data_4QFL
#
_entry.id   4QFL
#
_cell.length_a   106.142
_cell.length_b   106.142
_cell.length_c   100.981
_cell.angle_alpha   90.00
_cell.angle_beta   90.00
_cell.angle_gamma   120.00
#
_symmetry.space_group_name_H-M   'P 32'
#
loop_
_entity.id
_entity.type
_entity.pdbx_description
1 polymer 'ABC transporter periplasmic peptide-binding protein'
2 non-polymer ALANINE
3 non-polymer PHENYLALANINE
4 non-polymer GLYCEROL
5 water water
#
_entity_poly.entity_id   1
_entity_poly.type   'polypeptide(L)'
_entity_poly.pdbx_seq_one_letter_code
;MHKLLLALLSLSLVGCIDSKEEILEEKNQGLVYCAEANPVSFNPQVTTTGSTIDIIANQLYDRLISIDPVTAEFKSELAT
DWKISKDGKSVTFTLRKGVKFHTTAYFTPTREFNADDVIFTFSRLFDVYNPYHFVGDANYPYFQSVGIDQLIRKIVRVSD
HQVRFELFNAESSFLANMATDFAVVLSKEYAMALKANNQENLFDQYPVGTGPYIYKEYRRDHLVRFYKNADYWKHEVALE
QLVYDITPNGTTRIAKILTKECDVTAHPSSAQLSILAQRDDINVERETNLNIGYWAFNTERPPFDNLKVRQALVHAIDIE
KIMQAVYYGNGLRARSILPPTSWAFEPQKNMPIFDPQLAKKLLTEAGYEKGFDMSIWAMPVSRIYNPNARKMAELMQSDL
RKIGVNVNIVEYEWNTFIQRIGEHRHDSVLLGWAADTPDPDNFFSPLLSCTATFSGKNPANWCNPEFDLLLTKALDTTDL
NLRKQYYDAAQSMIIEQLPLYPIAHGMRFQASSADVEGITLGPFGAISLANARKKHHHHHH
;
_entity_poly.pdbx_strand_id   A,B
#
loop_
_chem_comp.id
_chem_comp.type
_chem_comp.name
_chem_comp.formula
GOL non-polymer GLYCEROL 'C3 H8 O3'
#
# COMPACT_ATOMS: atom_id res chain seq x y z
N GLN A 29 -10.90 25.98 16.25
CA GLN A 29 -9.50 26.08 15.82
C GLN A 29 -9.33 25.94 14.31
N GLY A 30 -8.13 26.26 13.85
CA GLY A 30 -7.84 26.22 12.43
C GLY A 30 -6.77 25.21 12.11
N LEU A 31 -6.53 25.01 10.83
CA LEU A 31 -5.47 24.13 10.37
C LEU A 31 -4.65 24.93 9.39
N VAL A 32 -3.33 24.79 9.47
CA VAL A 32 -2.41 25.40 8.52
C VAL A 32 -1.64 24.32 7.74
N TYR A 33 -1.83 24.33 6.43
CA TYR A 33 -1.28 23.34 5.51
C TYR A 33 -0.16 24.01 4.72
N CYS A 34 1.03 23.41 4.79
CA CYS A 34 2.19 23.90 4.03
C CYS A 34 2.19 23.32 2.63
N ALA A 35 1.87 24.17 1.66
CA ALA A 35 1.71 23.77 0.26
C ALA A 35 2.96 24.02 -0.58
N GLU A 36 3.23 23.13 -1.52
CA GLU A 36 4.46 23.22 -2.31
C GLU A 36 4.40 24.19 -3.49
N ALA A 37 3.22 24.72 -3.82
CA ALA A 37 3.12 25.66 -4.93
C ALA A 37 1.85 26.49 -4.90
N ASN A 38 1.91 27.60 -5.61
CA ASN A 38 0.78 28.49 -5.80
C ASN A 38 -0.29 27.79 -6.65
N PRO A 39 -1.58 27.95 -6.30
CA PRO A 39 -2.61 27.36 -7.18
C PRO A 39 -2.77 28.21 -8.43
N VAL A 40 -2.96 27.57 -9.58
CA VAL A 40 -3.03 28.29 -10.87
C VAL A 40 -4.43 28.83 -11.12
N SER A 41 -5.38 28.39 -10.33
CA SER A 41 -6.78 28.76 -10.51
C SER A 41 -7.54 28.26 -9.30
N PHE A 42 -8.79 28.68 -9.17
CA PHE A 42 -9.67 28.07 -8.18
C PHE A 42 -10.72 27.18 -8.81
N ASN A 43 -10.54 26.89 -10.09
CA ASN A 43 -11.38 25.94 -10.80
C ASN A 43 -10.57 24.75 -11.29
N PRO A 44 -10.85 23.55 -10.76
CA PRO A 44 -10.08 22.34 -11.07
C PRO A 44 -10.08 21.97 -12.55
N GLN A 45 -11.09 22.44 -13.28
CA GLN A 45 -11.23 22.17 -14.71
C GLN A 45 -10.04 22.60 -15.56
N VAL A 46 -9.35 23.66 -15.13
CA VAL A 46 -8.38 24.32 -15.97
C VAL A 46 -6.93 23.85 -15.76
N THR A 47 -6.75 22.83 -14.92
CA THR A 47 -5.41 22.36 -14.62
C THR A 47 -5.36 20.83 -14.45
N THR A 48 -4.17 20.26 -14.66
CA THR A 48 -3.88 18.90 -14.23
C THR A 48 -2.73 18.90 -13.23
N THR A 49 -2.47 20.03 -12.61
CA THR A 49 -1.38 20.09 -11.64
C THR A 49 -1.81 19.78 -10.22
N GLY A 50 -1.24 18.72 -9.66
CA GLY A 50 -1.68 18.23 -8.35
C GLY A 50 -1.58 19.26 -7.24
N SER A 51 -0.57 20.12 -7.30
CA SER A 51 -0.36 21.16 -6.31
C SER A 51 -1.58 22.05 -6.18
N THR A 52 -2.19 22.39 -7.31
CA THR A 52 -3.38 23.22 -7.31
C THR A 52 -4.59 22.44 -6.85
N ILE A 53 -4.76 21.25 -7.39
CA ILE A 53 -5.90 20.40 -7.03
C ILE A 53 -5.91 20.02 -5.55
N ASP A 54 -4.72 19.80 -4.99
CA ASP A 54 -4.61 19.44 -3.59
C ASP A 54 -5.21 20.54 -2.72
N ILE A 55 -5.12 21.78 -3.20
CA ILE A 55 -5.67 22.93 -2.47
C ILE A 55 -7.18 23.06 -2.62
N ILE A 56 -7.69 23.02 -3.85
CA ILE A 56 -9.04 23.47 -4.15
C ILE A 56 -10.14 22.40 -4.29
N ALA A 57 -9.80 21.22 -4.80
CA ALA A 57 -10.80 20.30 -5.31
C ALA A 57 -11.73 19.70 -4.26
N ASN A 58 -11.15 18.97 -3.30
CA ASN A 58 -11.95 18.33 -2.26
C ASN A 58 -12.44 19.29 -1.20
N GLN A 59 -11.86 20.49 -1.18
CA GLN A 59 -12.20 21.45 -0.15
C GLN A 59 -13.38 22.36 -0.53
N LEU A 60 -13.37 22.87 -1.75
CA LEU A 60 -14.41 23.82 -2.15
C LEU A 60 -15.55 23.17 -2.89
N TYR A 61 -15.34 21.96 -3.39
CA TYR A 61 -16.29 21.36 -4.34
C TYR A 61 -16.70 19.93 -4.01
N ASP A 62 -17.72 19.43 -4.72
CA ASP A 62 -18.02 18.00 -4.76
C ASP A 62 -18.18 17.58 -6.21
N ARG A 63 -17.97 16.29 -6.47
CA ARG A 63 -18.20 15.69 -7.78
C ARG A 63 -19.54 15.01 -7.76
N LEU A 64 -19.94 14.49 -8.91
CA LEU A 64 -21.12 13.65 -9.00
C LEU A 64 -20.90 12.34 -8.26
N ILE A 65 -19.74 11.75 -8.47
CA ILE A 65 -19.37 10.47 -7.88
C ILE A 65 -17.89 10.46 -7.55
N SER A 66 -17.51 9.49 -6.74
CA SER A 66 -16.10 9.26 -6.44
C SER A 66 -15.79 7.77 -6.62
N ILE A 67 -14.55 7.40 -6.36
CA ILE A 67 -14.14 6.01 -6.43
C ILE A 67 -13.63 5.55 -5.07
N ASP A 68 -14.23 4.50 -4.52
CA ASP A 68 -13.77 4.03 -3.23
C ASP A 68 -12.32 3.58 -3.36
N PRO A 69 -11.45 4.00 -2.42
CA PRO A 69 -10.02 3.71 -2.53
C PRO A 69 -9.72 2.25 -2.30
N VAL A 70 -10.64 1.57 -1.64
CA VAL A 70 -10.44 0.17 -1.26
C VAL A 70 -11.14 -0.83 -2.17
N THR A 71 -12.39 -0.56 -2.54
CA THR A 71 -13.14 -1.47 -3.40
C THR A 71 -13.12 -1.00 -4.82
N ALA A 72 -12.78 0.27 -5.00
CA ALA A 72 -12.82 0.91 -6.32
C ALA A 72 -14.23 0.97 -6.91
N GLU A 73 -15.24 0.68 -6.10
CA GLU A 73 -16.62 0.90 -6.53
C GLU A 73 -16.87 2.39 -6.61
N PHE A 74 -17.75 2.80 -7.52
CA PHE A 74 -18.19 4.18 -7.59
C PHE A 74 -19.13 4.51 -6.44
N LYS A 75 -18.94 5.70 -5.88
CA LYS A 75 -19.71 6.14 -4.73
C LYS A 75 -20.45 7.43 -5.02
N SER A 76 -21.71 7.47 -4.61
CA SER A 76 -22.53 8.65 -4.78
C SER A 76 -21.94 9.87 -4.09
N GLU A 77 -21.81 10.95 -4.83
CA GLU A 77 -21.50 12.24 -4.22
C GLU A 77 -22.64 13.22 -4.37
N LEU A 78 -22.64 13.99 -5.46
CA LEU A 78 -23.76 14.90 -5.75
C LEU A 78 -24.76 14.12 -6.59
N ALA A 79 -24.31 13.03 -7.20
CA ALA A 79 -25.20 12.10 -7.88
C ALA A 79 -25.57 10.98 -6.92
N THR A 80 -26.85 10.62 -6.89
CA THR A 80 -27.37 9.60 -5.98
C THR A 80 -27.47 8.24 -6.66
N ASP A 81 -27.55 8.28 -7.98
CA ASP A 81 -27.68 7.07 -8.77
C ASP A 81 -27.13 7.35 -10.16
N TRP A 82 -26.65 6.30 -10.82
CA TRP A 82 -26.13 6.42 -12.19
C TRP A 82 -26.41 5.15 -12.97
N LYS A 83 -26.65 5.29 -14.27
CA LYS A 83 -27.06 4.17 -15.10
C LYS A 83 -26.45 4.27 -16.49
N ILE A 84 -25.85 3.19 -16.96
CA ILE A 84 -25.31 3.19 -18.31
C ILE A 84 -26.20 2.32 -19.18
N SER A 85 -26.59 2.85 -20.33
CA SER A 85 -27.48 2.12 -21.22
C SER A 85 -26.78 0.90 -21.78
N LYS A 86 -27.57 -0.02 -22.32
CA LYS A 86 -27.04 -1.25 -22.89
C LYS A 86 -25.87 -1.00 -23.82
N ASP A 87 -25.99 0.04 -24.65
CA ASP A 87 -24.96 0.34 -25.64
C ASP A 87 -23.82 1.25 -25.17
N GLY A 88 -23.92 1.75 -23.94
CA GLY A 88 -22.85 2.53 -23.34
C GLY A 88 -22.78 3.99 -23.80
N LYS A 89 -23.81 4.43 -24.52
CA LYS A 89 -23.79 5.77 -25.10
C LYS A 89 -24.70 6.75 -24.38
N SER A 90 -25.38 6.27 -23.34
CA SER A 90 -26.19 7.14 -22.50
C SER A 90 -25.94 6.82 -21.05
N VAL A 91 -25.58 7.85 -20.28
CA VAL A 91 -25.38 7.69 -18.85
C VAL A 91 -26.31 8.66 -18.13
N THR A 92 -27.19 8.12 -17.31
CA THR A 92 -28.16 8.90 -16.56
C THR A 92 -27.69 9.05 -15.14
N PHE A 93 -27.61 10.29 -14.67
CA PHE A 93 -27.32 10.57 -13.28
C PHE A 93 -28.57 11.12 -12.58
N THR A 94 -28.94 10.52 -11.46
CA THR A 94 -29.95 11.09 -10.57
C THR A 94 -29.22 11.94 -9.55
N LEU A 95 -29.74 13.13 -9.27
CA LEU A 95 -29.00 14.10 -8.46
C LEU A 95 -29.60 14.34 -7.10
N ARG A 96 -28.72 14.59 -6.13
CA ARG A 96 -29.08 14.86 -4.74
C ARG A 96 -29.90 16.14 -4.60
N LYS A 97 -30.95 16.07 -3.78
CA LYS A 97 -31.79 17.24 -3.50
C LYS A 97 -31.33 17.92 -2.21
N GLY A 98 -31.52 19.23 -2.14
CA GLY A 98 -31.23 19.96 -0.92
C GLY A 98 -29.79 20.37 -0.75
N VAL A 99 -29.04 20.44 -1.84
CA VAL A 99 -27.63 20.81 -1.75
C VAL A 99 -27.48 22.29 -2.04
N LYS A 100 -26.87 23.02 -1.11
CA LYS A 100 -26.75 24.46 -1.24
C LYS A 100 -25.37 24.88 -1.72
N PHE A 101 -25.34 25.79 -2.68
CA PHE A 101 -24.11 26.45 -3.05
C PHE A 101 -23.67 27.43 -1.96
N HIS A 102 -22.37 27.70 -1.92
CA HIS A 102 -21.78 28.64 -0.96
C HIS A 102 -22.40 30.02 -0.98
N THR A 103 -22.59 30.58 0.20
CA THR A 103 -22.74 32.00 0.33
C THR A 103 -21.34 32.52 0.58
N THR A 104 -20.88 33.38 -0.30
CA THR A 104 -19.57 33.97 -0.14
C THR A 104 -19.76 35.47 -0.11
N ALA A 105 -18.67 36.21 0.03
CA ALA A 105 -18.68 37.66 0.00
C ALA A 105 -19.22 38.21 -1.32
N TYR A 106 -19.02 37.46 -2.40
CA TYR A 106 -19.37 37.92 -3.73
C TYR A 106 -20.60 37.24 -4.33
N PHE A 107 -21.19 36.28 -3.61
CA PHE A 107 -22.35 35.52 -4.14
C PHE A 107 -23.25 34.95 -3.06
N THR A 108 -24.57 35.05 -3.29
CA THR A 108 -25.58 34.41 -2.47
C THR A 108 -26.58 33.72 -3.39
N PRO A 109 -26.72 32.38 -3.25
CA PRO A 109 -27.65 31.60 -4.07
C PRO A 109 -29.10 32.01 -3.87
N THR A 110 -29.92 31.87 -4.91
CA THR A 110 -31.36 32.02 -4.78
C THR A 110 -32.07 30.69 -5.00
N ARG A 111 -31.29 29.65 -5.28
CA ARG A 111 -31.82 28.31 -5.47
C ARG A 111 -30.76 27.27 -5.11
N GLU A 112 -31.19 26.02 -4.96
CA GLU A 112 -30.26 24.95 -4.65
C GLU A 112 -29.76 24.26 -5.92
N PHE A 113 -28.71 23.46 -5.75
CA PHE A 113 -28.14 22.66 -6.82
C PHE A 113 -29.17 21.80 -7.57
N ASN A 114 -29.12 21.85 -8.89
CA ASN A 114 -30.00 21.01 -9.71
C ASN A 114 -29.36 20.67 -11.05
N ALA A 115 -30.13 20.04 -11.91
CA ALA A 115 -29.67 19.59 -13.22
C ALA A 115 -29.01 20.69 -14.06
N ASP A 116 -29.49 21.92 -13.91
CA ASP A 116 -28.97 23.05 -14.67
C ASP A 116 -27.47 23.28 -14.42
N ASP A 117 -27.04 23.03 -13.19
CA ASP A 117 -25.64 23.19 -12.80
C ASP A 117 -24.75 22.14 -13.44
N VAL A 118 -25.29 20.93 -13.54
CA VAL A 118 -24.56 19.83 -14.17
C VAL A 118 -24.39 20.12 -15.64
N ILE A 119 -25.48 20.50 -16.28
CA ILE A 119 -25.45 20.78 -17.70
C ILE A 119 -24.51 21.95 -17.99
N PHE A 120 -24.54 22.97 -17.15
CA PHE A 120 -23.64 24.10 -17.36
C PHE A 120 -22.18 23.74 -17.17
N THR A 121 -21.89 23.14 -16.01
CA THR A 121 -20.52 22.75 -15.67
C THR A 121 -19.86 21.92 -16.76
N PHE A 122 -20.58 20.91 -17.24
CA PHE A 122 -19.99 19.98 -18.20
C PHE A 122 -20.14 20.40 -19.66
N SER A 123 -21.18 21.15 -20.00
CA SER A 123 -21.26 21.68 -21.34
C SER A 123 -20.22 22.77 -21.53
N ARG A 124 -19.74 23.40 -20.46
CA ARG A 124 -18.65 24.36 -20.59
C ARG A 124 -17.44 23.73 -21.31
N LEU A 125 -17.27 22.43 -21.14
CA LEU A 125 -16.12 21.71 -21.72
C LEU A 125 -16.26 21.42 -23.22
N PHE A 126 -17.43 20.94 -23.65
CA PHE A 126 -17.56 20.44 -25.01
C PHE A 126 -18.38 21.33 -25.92
N ASP A 127 -19.17 22.23 -25.34
CA ASP A 127 -20.09 23.04 -26.12
C ASP A 127 -19.51 24.41 -26.40
N VAL A 128 -19.16 24.67 -27.66
CA VAL A 128 -18.61 25.96 -28.03
C VAL A 128 -19.63 27.08 -27.84
N TYR A 129 -20.90 26.70 -27.68
CA TYR A 129 -21.98 27.65 -27.46
C TYR A 129 -22.15 28.04 -26.02
N ASN A 130 -21.55 27.27 -25.12
CA ASN A 130 -21.56 27.60 -23.71
C ASN A 130 -20.82 28.92 -23.52
N PRO A 131 -21.46 29.88 -22.84
CA PRO A 131 -20.88 31.22 -22.78
C PRO A 131 -19.54 31.23 -22.04
N TYR A 132 -19.20 30.13 -21.38
CA TYR A 132 -17.95 30.05 -20.65
C TYR A 132 -16.94 29.15 -21.33
N HIS A 133 -17.33 28.57 -22.45
CA HIS A 133 -16.43 27.67 -23.16
C HIS A 133 -15.08 28.32 -23.41
N PHE A 134 -15.08 29.57 -23.83
CA PHE A 134 -13.85 30.27 -24.18
C PHE A 134 -13.34 31.21 -23.08
N VAL A 135 -13.89 31.11 -21.88
CA VAL A 135 -13.45 31.97 -20.80
C VAL A 135 -12.10 31.51 -20.26
N GLY A 136 -11.29 32.47 -19.86
CA GLY A 136 -9.99 32.18 -19.31
C GLY A 136 -9.01 31.93 -20.43
N ASP A 137 -8.24 30.85 -20.32
CA ASP A 137 -7.32 30.51 -21.39
C ASP A 137 -8.02 29.61 -22.42
N ALA A 138 -9.22 29.18 -22.09
CA ALA A 138 -9.96 28.25 -22.92
C ALA A 138 -9.30 26.87 -22.93
N ASN A 139 -8.56 26.56 -21.87
CA ASN A 139 -7.94 25.25 -21.73
C ASN A 139 -8.58 24.44 -20.63
N TYR A 140 -8.93 23.19 -20.94
CA TYR A 140 -9.41 22.23 -19.94
C TYR A 140 -8.57 20.97 -20.08
N PRO A 141 -7.32 21.00 -19.56
CA PRO A 141 -6.30 20.04 -19.97
C PRO A 141 -6.64 18.56 -19.72
N TYR A 142 -7.14 18.19 -18.55
CA TYR A 142 -7.47 16.78 -18.37
C TYR A 142 -8.46 16.32 -19.45
N PHE A 143 -9.53 17.08 -19.57
CA PHE A 143 -10.62 16.73 -20.45
C PHE A 143 -10.25 16.75 -21.93
N GLN A 144 -9.52 17.77 -22.36
CA GLN A 144 -9.05 17.80 -23.74
C GLN A 144 -8.10 16.62 -24.01
N SER A 145 -7.26 16.29 -23.05
CA SER A 145 -6.32 15.18 -23.20
C SER A 145 -7.00 13.82 -23.43
N VAL A 146 -8.15 13.60 -22.81
CA VAL A 146 -8.84 12.33 -22.99
C VAL A 146 -9.97 12.43 -24.01
N GLY A 147 -10.09 13.58 -24.66
CA GLY A 147 -10.99 13.73 -25.80
C GLY A 147 -12.46 13.90 -25.50
N ILE A 148 -12.77 14.77 -24.55
CA ILE A 148 -14.16 15.12 -24.28
C ILE A 148 -14.90 15.42 -25.60
N ASP A 149 -14.29 16.30 -26.41
CA ASP A 149 -14.77 16.69 -27.72
C ASP A 149 -15.48 15.59 -28.46
N GLN A 150 -14.73 14.55 -28.78
CA GLN A 150 -15.25 13.44 -29.55
C GLN A 150 -16.03 12.49 -28.64
N LEU A 151 -16.42 12.96 -27.47
CA LEU A 151 -17.17 12.12 -26.55
C LEU A 151 -18.58 12.60 -26.23
N ILE A 152 -18.72 13.76 -25.61
CA ILE A 152 -20.04 14.19 -25.14
C ILE A 152 -20.84 14.96 -26.21
N ARG A 153 -21.98 14.40 -26.60
CA ARG A 153 -22.83 15.02 -27.63
C ARG A 153 -23.75 16.07 -27.01
N LYS A 154 -24.45 15.68 -25.96
CA LYS A 154 -25.26 16.63 -25.22
C LYS A 154 -25.55 16.02 -23.86
N ILE A 155 -26.12 16.83 -22.98
CA ILE A 155 -26.65 16.36 -21.72
C ILE A 155 -28.10 16.76 -21.68
N VAL A 156 -28.99 15.78 -21.69
CA VAL A 156 -30.42 16.06 -21.63
C VAL A 156 -30.82 16.42 -20.22
N ARG A 157 -31.73 17.39 -20.11
CA ARG A 157 -32.34 17.70 -18.85
C ARG A 157 -33.62 16.90 -18.70
N VAL A 158 -33.53 15.71 -18.14
CA VAL A 158 -34.73 14.90 -18.04
C VAL A 158 -35.63 15.41 -16.94
N SER A 159 -35.05 15.94 -15.88
CA SER A 159 -35.83 16.65 -14.87
C SER A 159 -34.94 17.50 -13.96
N ASP A 160 -35.58 18.21 -13.02
CA ASP A 160 -34.87 19.11 -12.13
C ASP A 160 -33.67 18.44 -11.46
N HIS A 161 -33.78 17.14 -11.21
CA HIS A 161 -32.70 16.41 -10.54
C HIS A 161 -32.38 15.07 -11.21
N GLN A 162 -32.40 15.06 -12.54
CA GLN A 162 -31.88 13.95 -13.31
C GLN A 162 -31.43 14.42 -14.70
N VAL A 163 -30.26 13.98 -15.13
CA VAL A 163 -29.76 14.33 -16.45
C VAL A 163 -29.29 13.08 -17.13
N ARG A 164 -29.17 13.14 -18.45
CA ARG A 164 -28.63 12.03 -19.20
C ARG A 164 -27.56 12.52 -20.18
N PHE A 165 -26.33 12.03 -20.01
CA PHE A 165 -25.25 12.32 -20.95
C PHE A 165 -25.39 11.44 -22.20
N GLU A 166 -25.32 12.05 -23.37
CA GLU A 166 -25.31 11.30 -24.63
C GLU A 166 -23.92 11.33 -25.25
N LEU A 167 -23.32 10.16 -25.42
CA LEU A 167 -21.98 10.05 -25.98
C LEU A 167 -21.99 9.67 -27.47
N PHE A 168 -20.96 10.11 -28.19
CA PHE A 168 -20.84 9.77 -29.60
C PHE A 168 -20.45 8.31 -29.73
N ASN A 169 -19.74 7.81 -28.72
CA ASN A 169 -19.28 6.44 -28.66
C ASN A 169 -19.17 5.98 -27.21
N ALA A 170 -19.22 4.68 -26.96
CA ALA A 170 -18.96 4.20 -25.62
C ALA A 170 -17.47 4.32 -25.32
N GLU A 171 -17.15 4.69 -24.09
CA GLU A 171 -15.79 4.66 -23.59
C GLU A 171 -15.90 4.06 -22.20
N SER A 172 -15.19 2.97 -21.95
CA SER A 172 -15.33 2.28 -20.67
C SER A 172 -14.68 3.04 -19.54
N SER A 173 -13.98 4.12 -19.85
CA SER A 173 -13.30 4.91 -18.82
C SER A 173 -14.15 6.08 -18.40
N PHE A 174 -15.33 6.21 -18.98
CA PHE A 174 -16.10 7.44 -18.83
C PHE A 174 -16.44 7.81 -17.37
N LEU A 175 -17.12 6.93 -16.65
CA LEU A 175 -17.40 7.21 -15.24
C LEU A 175 -16.12 7.50 -14.45
N ALA A 176 -15.04 6.77 -14.72
CA ALA A 176 -13.78 7.00 -14.01
C ALA A 176 -13.38 8.46 -14.20
N ASN A 177 -13.47 8.94 -15.43
CA ASN A 177 -13.17 10.33 -15.72
C ASN A 177 -14.11 11.31 -15.05
N MET A 178 -15.38 10.92 -14.89
CA MET A 178 -16.34 11.76 -14.18
C MET A 178 -16.14 11.74 -12.65
N ALA A 179 -15.30 10.83 -12.18
CA ALA A 179 -15.01 10.76 -10.76
C ALA A 179 -13.65 11.35 -10.42
N THR A 180 -13.03 12.03 -11.38
CA THR A 180 -11.73 12.65 -11.11
C THR A 180 -11.93 13.98 -10.40
N ASP A 181 -10.85 14.46 -9.79
CA ASP A 181 -10.87 15.75 -9.09
C ASP A 181 -11.15 16.94 -10.02
N PHE A 182 -11.04 16.71 -11.32
CA PHE A 182 -11.28 17.76 -12.31
C PHE A 182 -12.77 17.92 -12.60
N ALA A 183 -13.54 16.89 -12.25
CA ALA A 183 -14.95 16.81 -12.64
C ALA A 183 -15.90 17.39 -11.59
N VAL A 184 -15.52 18.51 -10.97
CA VAL A 184 -16.34 19.07 -9.91
C VAL A 184 -17.55 19.75 -10.50
N VAL A 185 -18.56 19.97 -9.66
CA VAL A 185 -19.76 20.69 -10.06
C VAL A 185 -19.70 22.18 -9.73
N LEU A 186 -19.95 23.02 -10.74
CA LEU A 186 -19.90 24.48 -10.58
C LEU A 186 -21.29 25.10 -10.48
N SER A 187 -21.33 26.38 -10.12
CA SER A 187 -22.58 27.13 -9.99
C SER A 187 -23.01 27.86 -11.26
N LYS A 188 -24.12 27.46 -11.85
CA LYS A 188 -24.66 28.15 -12.99
C LYS A 188 -25.18 29.53 -12.60
N GLU A 189 -25.84 29.61 -11.46
CA GLU A 189 -26.37 30.91 -11.04
C GLU A 189 -25.25 31.94 -10.89
N TYR A 190 -24.16 31.54 -10.24
CA TYR A 190 -23.00 32.41 -10.10
C TYR A 190 -22.50 32.78 -11.48
N ALA A 191 -22.32 31.79 -12.33
CA ALA A 191 -21.80 32.02 -13.68
C ALA A 191 -22.67 32.97 -14.49
N MET A 192 -23.98 32.80 -14.41
CA MET A 192 -24.93 33.66 -15.14
C MET A 192 -24.98 35.07 -14.55
N ALA A 193 -24.77 35.16 -13.24
CA ALA A 193 -24.68 36.44 -12.55
C ALA A 193 -23.48 37.26 -13.00
N LEU A 194 -22.30 36.64 -12.96
CA LEU A 194 -21.09 37.30 -13.42
C LEU A 194 -21.18 37.74 -14.88
N LYS A 195 -21.76 36.87 -15.71
CA LYS A 195 -21.97 37.19 -17.12
C LYS A 195 -22.73 38.51 -17.28
N ALA A 196 -23.81 38.65 -16.51
CA ALA A 196 -24.59 39.89 -16.55
C ALA A 196 -23.70 41.11 -16.36
N ASN A 197 -22.68 40.99 -15.51
CA ASN A 197 -21.76 42.11 -15.29
C ASN A 197 -20.57 42.10 -16.22
N ASN A 198 -20.51 41.13 -17.13
CA ASN A 198 -19.33 40.94 -17.97
C ASN A 198 -18.09 40.71 -17.11
N GLN A 199 -18.28 39.98 -16.01
CA GLN A 199 -17.19 39.69 -15.09
C GLN A 199 -16.88 38.20 -15.09
N GLU A 200 -17.15 37.57 -16.22
CA GLU A 200 -16.79 36.17 -16.44
C GLU A 200 -15.39 35.85 -15.95
N ASN A 201 -14.47 36.80 -16.07
CA ASN A 201 -13.08 36.59 -15.69
C ASN A 201 -12.92 36.30 -14.22
N LEU A 202 -14.00 36.49 -13.47
CA LEU A 202 -13.96 36.33 -12.02
C LEU A 202 -14.38 34.94 -11.62
N PHE A 203 -15.06 34.24 -12.52
CA PHE A 203 -15.67 32.97 -12.20
C PHE A 203 -14.67 31.96 -11.66
N ASP A 204 -13.53 31.84 -12.32
CA ASP A 204 -12.54 30.84 -11.93
C ASP A 204 -11.62 31.28 -10.76
N GLN A 205 -11.66 32.56 -10.40
CA GLN A 205 -10.75 33.10 -9.39
C GLN A 205 -11.41 33.21 -8.03
N TYR A 206 -12.70 33.53 -8.05
CA TYR A 206 -13.48 33.64 -6.84
C TYR A 206 -14.57 32.61 -6.93
N PRO A 207 -14.28 31.42 -6.41
CA PRO A 207 -15.06 30.22 -6.67
C PRO A 207 -16.33 30.13 -5.84
N VAL A 208 -17.31 29.44 -6.39
CA VAL A 208 -18.47 29.01 -5.64
C VAL A 208 -18.68 27.54 -5.86
N GLY A 209 -18.65 26.76 -4.78
CA GLY A 209 -18.82 25.33 -4.87
C GLY A 209 -19.90 24.85 -3.92
N THR A 210 -19.94 23.55 -3.69
CA THR A 210 -20.87 22.99 -2.74
C THR A 210 -20.12 22.26 -1.64
N GLY A 211 -18.79 22.43 -1.65
CA GLY A 211 -17.88 21.68 -0.81
C GLY A 211 -17.85 22.13 0.63
N PRO A 212 -17.08 21.40 1.46
CA PRO A 212 -17.00 21.60 2.92
C PRO A 212 -16.41 22.93 3.36
N TYR A 213 -15.65 23.61 2.49
CA TYR A 213 -15.07 24.90 2.84
C TYR A 213 -15.37 25.93 1.77
N ILE A 214 -15.33 27.19 2.15
CA ILE A 214 -15.71 28.29 1.30
C ILE A 214 -14.52 29.20 1.11
N TYR A 215 -14.43 29.81 -0.06
CA TYR A 215 -13.35 30.75 -0.36
C TYR A 215 -13.46 32.03 0.48
N LYS A 216 -12.36 32.41 1.14
CA LYS A 216 -12.28 33.67 1.87
C LYS A 216 -11.25 34.64 1.26
N GLU A 217 -10.02 34.17 1.08
CA GLU A 217 -8.91 35.07 0.77
C GLU A 217 -7.77 34.37 0.04
N TYR A 218 -7.05 35.13 -0.77
CA TYR A 218 -5.89 34.62 -1.48
C TYR A 218 -4.84 35.73 -1.67
N ARG A 219 -3.65 35.54 -1.11
CA ARG A 219 -2.52 36.42 -1.38
C ARG A 219 -1.61 35.69 -2.33
N ARG A 220 -1.45 36.20 -3.55
CA ARG A 220 -0.70 35.44 -4.54
C ARG A 220 0.71 35.07 -4.05
N ASP A 221 0.98 33.76 -4.06
CA ASP A 221 2.27 33.20 -3.69
C ASP A 221 2.48 33.15 -2.19
N HIS A 222 1.52 33.66 -1.43
CA HIS A 222 1.69 33.71 0.03
C HIS A 222 0.70 32.81 0.74
N LEU A 223 -0.59 33.04 0.54
CA LEU A 223 -1.54 32.18 1.23
C LEU A 223 -2.93 32.07 0.60
N VAL A 224 -3.61 31.03 1.02
CA VAL A 224 -5.02 30.88 0.72
C VAL A 224 -5.76 30.56 2.02
N ARG A 225 -6.89 31.24 2.20
CA ARG A 225 -7.68 31.09 3.39
C ARG A 225 -9.10 30.65 2.99
N PHE A 226 -9.55 29.56 3.61
CA PHE A 226 -10.92 29.06 3.46
C PHE A 226 -11.57 29.02 4.84
N TYR A 227 -12.90 29.04 4.84
N TYR A 227 -12.89 29.04 4.87
CA TYR A 227 -13.70 28.91 6.06
CA TYR A 227 -13.60 28.81 6.11
C TYR A 227 -14.66 27.73 5.97
C TYR A 227 -14.69 27.77 5.98
N LYS A 228 -15.07 27.19 7.10
CA LYS A 228 -16.03 26.10 7.13
C LYS A 228 -17.37 26.47 6.48
N ASN A 229 -17.90 25.56 5.67
CA ASN A 229 -19.24 25.70 5.13
C ASN A 229 -20.27 25.13 6.10
N ALA A 230 -20.96 26.01 6.82
CA ALA A 230 -21.92 25.59 7.85
C ALA A 230 -23.11 24.81 7.28
N ASP A 231 -23.33 24.95 5.98
CA ASP A 231 -24.48 24.34 5.30
C ASP A 231 -24.09 23.15 4.45
N TYR A 232 -22.94 22.54 4.75
CA TYR A 232 -22.46 21.43 3.93
C TYR A 232 -23.36 20.19 4.01
N TRP A 233 -23.74 19.66 2.86
CA TRP A 233 -24.72 18.59 2.81
C TRP A 233 -24.24 17.31 3.42
N LYS A 234 -23.00 16.94 3.14
CA LYS A 234 -22.54 15.58 3.44
C LYS A 234 -22.35 15.35 4.93
N HIS A 235 -21.65 16.27 5.59
CA HIS A 235 -21.42 16.13 7.03
C HIS A 235 -21.19 17.47 7.71
N GLU A 236 -21.19 17.45 9.03
CA GLU A 236 -20.88 18.63 9.81
C GLU A 236 -19.37 18.82 9.76
N VAL A 237 -18.93 19.90 9.12
CA VAL A 237 -17.50 20.18 8.98
C VAL A 237 -16.86 20.56 10.31
N ALA A 238 -15.74 19.93 10.63
CA ALA A 238 -15.09 20.12 11.92
C ALA A 238 -14.25 21.40 12.02
N LEU A 239 -13.32 21.61 11.10
CA LEU A 239 -12.44 22.77 11.15
C LEU A 239 -13.18 24.09 10.90
N GLU A 240 -12.81 25.14 11.64
CA GLU A 240 -13.38 26.47 11.44
C GLU A 240 -12.66 27.20 10.31
N GLN A 241 -11.34 27.05 10.32
CA GLN A 241 -10.48 27.75 9.40
C GLN A 241 -9.44 26.81 8.82
N LEU A 242 -9.14 27.03 7.54
CA LEU A 242 -8.12 26.29 6.83
C LEU A 242 -7.28 27.31 6.08
N VAL A 243 -6.00 27.41 6.42
CA VAL A 243 -5.10 28.25 5.66
C VAL A 243 -4.04 27.37 5.00
N TYR A 244 -3.75 27.66 3.73
CA TYR A 244 -2.61 27.08 3.03
C TYR A 244 -1.47 28.10 2.98
N ASP A 245 -0.31 27.68 3.46
CA ASP A 245 0.88 28.51 3.47
C ASP A 245 1.72 28.10 2.27
N ILE A 246 1.75 28.94 1.24
CA ILE A 246 2.47 28.61 0.03
C ILE A 246 3.97 28.72 0.24
N THR A 247 4.64 27.57 0.31
CA THR A 247 6.06 27.52 0.62
C THR A 247 6.75 26.50 -0.30
N PRO A 248 7.27 26.97 -1.44
CA PRO A 248 7.83 26.07 -2.45
C PRO A 248 9.06 25.29 -1.98
N ASN A 249 9.85 25.87 -1.10
CA ASN A 249 11.07 25.20 -0.71
C ASN A 249 10.80 24.07 0.27
N GLY A 250 11.18 22.85 -0.12
CA GLY A 250 10.92 21.65 0.66
C GLY A 250 11.42 21.68 2.09
N THR A 251 12.66 22.08 2.29
CA THR A 251 13.22 22.08 3.62
C THR A 251 12.55 23.14 4.51
N THR A 252 12.08 24.22 3.92
CA THR A 252 11.36 25.24 4.67
C THR A 252 10.01 24.70 5.18
N ARG A 253 9.38 23.84 4.40
CA ARG A 253 8.12 23.22 4.85
C ARG A 253 8.42 22.32 6.03
N ILE A 254 9.56 21.64 5.98
CA ILE A 254 10.01 20.85 7.13
C ILE A 254 10.23 21.76 8.32
N ALA A 255 10.98 22.83 8.11
CA ALA A 255 11.27 23.79 9.17
C ALA A 255 9.97 24.29 9.81
N LYS A 256 8.96 24.58 8.99
CA LYS A 256 7.69 25.10 9.49
C LYS A 256 6.84 24.09 10.24
N ILE A 257 6.96 22.82 9.94
CA ILE A 257 6.23 21.87 10.78
C ILE A 257 6.95 21.73 12.12
N LEU A 258 8.27 21.81 12.09
CA LEU A 258 9.06 21.71 13.33
C LEU A 258 8.75 22.85 14.31
N THR A 259 8.59 24.06 13.80
CA THR A 259 8.32 25.24 14.62
C THR A 259 6.84 25.39 14.87
N LYS A 260 6.08 24.46 14.31
CA LYS A 260 4.63 24.44 14.42
C LYS A 260 3.97 25.64 13.76
N GLU A 261 4.65 26.23 12.78
CA GLU A 261 4.04 27.25 11.95
C GLU A 261 3.05 26.57 11.01
N CYS A 262 3.32 25.31 10.70
CA CYS A 262 2.45 24.50 9.86
C CYS A 262 2.00 23.27 10.61
N ASP A 263 0.76 22.86 10.40
CA ASP A 263 0.20 21.67 11.02
C ASP A 263 0.30 20.46 10.10
N VAL A 264 0.31 20.72 8.80
CA VAL A 264 0.46 19.67 7.81
C VAL A 264 1.44 20.11 6.74
N THR A 265 2.31 19.20 6.33
CA THR A 265 3.34 19.47 5.34
C THR A 265 3.22 18.56 4.14
N ALA A 266 2.95 19.18 2.99
CA ALA A 266 2.87 18.46 1.73
C ALA A 266 4.24 17.98 1.32
N HIS A 267 4.26 16.78 0.76
CA HIS A 267 5.48 16.22 0.18
C HIS A 267 6.72 16.52 1.01
N PRO A 268 6.84 15.90 2.20
CA PRO A 268 8.03 16.10 3.04
C PRO A 268 9.31 15.65 2.34
N SER A 269 10.38 16.43 2.49
N SER A 269 10.37 16.42 2.51
CA SER A 269 11.65 16.10 1.86
CA SER A 269 11.64 16.10 1.88
C SER A 269 12.27 14.83 2.44
C SER A 269 12.25 14.82 2.44
N SER A 270 12.61 13.90 1.55
CA SER A 270 13.19 12.61 1.95
C SER A 270 14.29 12.77 2.96
N ALA A 271 15.18 13.73 2.71
CA ALA A 271 16.37 13.89 3.53
C ALA A 271 15.99 14.16 4.98
N GLN A 272 14.77 14.64 5.20
CA GLN A 272 14.33 14.95 6.54
C GLN A 272 13.30 14.00 7.14
N LEU A 273 13.00 12.90 6.46
CA LEU A 273 12.03 11.95 7.01
C LEU A 273 12.50 11.40 8.34
N SER A 274 13.78 11.11 8.44
CA SER A 274 14.34 10.57 9.67
C SER A 274 14.23 11.57 10.83
N ILE A 275 14.45 12.84 10.54
CA ILE A 275 14.26 13.88 11.54
C ILE A 275 12.83 13.85 12.08
N LEU A 276 11.85 13.86 11.17
CA LEU A 276 10.44 13.82 11.53
C LEU A 276 10.06 12.52 12.26
N ALA A 277 10.59 11.39 11.81
CA ALA A 277 10.30 10.08 12.42
C ALA A 277 10.68 9.98 13.91
N GLN A 278 11.64 10.78 14.33
CA GLN A 278 12.07 10.77 15.73
C GLN A 278 11.19 11.64 16.63
N ARG A 279 10.52 12.62 16.05
CA ARG A 279 9.68 13.55 16.81
C ARG A 279 8.37 12.90 17.30
N ASP A 280 8.16 12.90 18.61
CA ASP A 280 6.97 12.30 19.21
C ASP A 280 5.68 13.00 18.81
N ASP A 281 5.75 14.29 18.54
CA ASP A 281 4.55 15.09 18.28
C ASP A 281 4.21 15.24 16.80
N ILE A 282 4.84 14.45 15.95
CA ILE A 282 4.59 14.49 14.52
C ILE A 282 4.28 13.10 13.99
N ASN A 283 3.31 13.02 13.09
CA ASN A 283 3.00 11.78 12.38
C ASN A 283 3.41 11.90 10.93
N VAL A 284 4.00 10.85 10.39
CA VAL A 284 4.29 10.82 8.98
C VAL A 284 3.62 9.58 8.38
N GLU A 285 2.63 9.81 7.51
CA GLU A 285 1.94 8.69 6.88
C GLU A 285 2.71 8.28 5.65
N ARG A 286 2.62 7.00 5.31
CA ARG A 286 3.38 6.41 4.23
C ARG A 286 2.48 5.41 3.55
N GLU A 287 1.97 5.74 2.37
CA GLU A 287 1.00 4.86 1.74
C GLU A 287 1.39 4.48 0.32
N THR A 288 0.96 3.29 -0.11
CA THR A 288 1.15 2.88 -1.49
C THR A 288 0.26 3.73 -2.40
N ASN A 289 0.69 3.92 -3.63
CA ASN A 289 0.00 4.86 -4.51
C ASN A 289 0.31 4.59 -5.98
N LEU A 290 -0.70 4.75 -6.82
CA LEU A 290 -0.53 4.56 -8.26
C LEU A 290 0.15 5.78 -8.87
N ASN A 291 1.42 5.63 -9.21
CA ASN A 291 2.14 6.73 -9.80
C ASN A 291 3.31 6.21 -10.60
N ILE A 292 3.83 7.05 -11.49
CA ILE A 292 5.04 6.72 -12.23
C ILE A 292 5.91 7.94 -12.38
N GLY A 293 7.21 7.78 -12.13
CA GLY A 293 8.20 8.78 -12.43
C GLY A 293 9.03 8.28 -13.61
N TYR A 294 9.18 9.14 -14.61
CA TYR A 294 9.85 8.79 -15.88
C TYR A 294 10.81 9.88 -16.38
N TRP A 295 11.66 9.50 -17.34
CA TRP A 295 12.48 10.44 -18.09
C TRP A 295 11.89 10.54 -19.49
N ALA A 296 11.26 11.67 -19.79
CA ALA A 296 10.63 11.84 -21.08
C ALA A 296 11.57 12.53 -22.07
N PHE A 297 11.62 12.01 -23.29
CA PHE A 297 12.36 12.64 -24.38
C PHE A 297 11.43 13.44 -25.29
N ASN A 298 11.90 14.61 -25.74
CA ASN A 298 11.20 15.37 -26.77
C ASN A 298 11.43 14.67 -28.11
N THR A 299 10.55 13.74 -28.45
CA THR A 299 10.75 12.84 -29.59
C THR A 299 10.67 13.54 -30.94
N GLU A 300 10.33 14.82 -30.92
CA GLU A 300 10.30 15.58 -32.16
C GLU A 300 11.57 16.40 -32.35
N ARG A 301 12.55 16.19 -31.47
CA ARG A 301 13.76 17.01 -31.49
C ARG A 301 15.02 16.17 -31.66
N PRO A 302 15.75 16.36 -32.78
CA PRO A 302 16.97 15.56 -32.96
C PRO A 302 17.98 15.87 -31.87
N PRO A 303 18.79 14.88 -31.45
CA PRO A 303 18.81 13.49 -31.91
C PRO A 303 17.80 12.61 -31.21
N PHE A 304 16.88 13.22 -30.47
CA PHE A 304 16.01 12.46 -29.59
C PHE A 304 14.85 11.85 -30.36
N ASP A 305 14.68 12.26 -31.62
CA ASP A 305 13.72 11.63 -32.51
C ASP A 305 14.25 10.30 -33.03
N ASN A 306 15.49 9.99 -32.67
CA ASN A 306 16.13 8.77 -33.13
C ASN A 306 16.07 7.69 -32.07
N LEU A 307 15.35 6.62 -32.36
CA LEU A 307 15.13 5.60 -31.35
C LEU A 307 16.46 5.08 -30.82
N LYS A 308 17.40 4.79 -31.73
CA LYS A 308 18.71 4.28 -31.32
C LYS A 308 19.38 5.20 -30.32
N VAL A 309 19.13 6.48 -30.43
CA VAL A 309 19.70 7.45 -29.51
C VAL A 309 19.00 7.31 -28.17
N ARG A 310 17.66 7.24 -28.21
CA ARG A 310 16.90 7.12 -26.99
C ARG A 310 17.33 5.88 -26.24
N GLN A 311 17.50 4.78 -26.97
CA GLN A 311 17.99 3.53 -26.40
C GLN A 311 19.39 3.69 -25.81
N ALA A 312 20.28 4.33 -26.56
CA ALA A 312 21.63 4.58 -26.08
C ALA A 312 21.66 5.34 -24.74
N LEU A 313 20.85 6.39 -24.61
CA LEU A 313 20.88 7.22 -23.40
C LEU A 313 20.40 6.48 -22.14
N VAL A 314 19.32 5.70 -22.30
CA VAL A 314 18.74 4.96 -21.19
C VAL A 314 19.72 3.97 -20.56
N HIS A 315 20.51 3.30 -21.39
CA HIS A 315 21.44 2.28 -20.90
C HIS A 315 22.58 2.86 -20.04
N ALA A 316 22.73 4.18 -20.08
CA ALA A 316 23.80 4.84 -19.36
C ALA A 316 23.41 5.16 -17.91
N ILE A 317 22.15 4.90 -17.58
CA ILE A 317 21.61 5.39 -16.31
C ILE A 317 21.63 4.37 -15.19
N ASP A 318 22.34 4.71 -14.12
CA ASP A 318 22.44 3.84 -12.95
C ASP A 318 21.16 3.91 -12.16
N ILE A 319 20.19 3.08 -12.52
CA ILE A 319 18.88 3.13 -11.88
C ILE A 319 18.95 2.74 -10.42
N GLU A 320 19.87 1.83 -10.09
CA GLU A 320 19.93 1.30 -8.74
C GLU A 320 20.53 2.31 -7.76
N LYS A 321 21.33 3.23 -8.29
CA LYS A 321 21.91 4.29 -7.49
C LYS A 321 20.88 5.38 -7.22
N ILE A 322 19.95 5.55 -8.17
CA ILE A 322 18.84 6.47 -8.00
C ILE A 322 17.85 5.95 -6.97
N MET A 323 17.59 4.64 -7.01
CA MET A 323 16.68 4.01 -6.05
C MET A 323 17.11 4.26 -4.61
N GLN A 324 18.40 4.49 -4.41
CA GLN A 324 18.90 4.75 -3.08
C GLN A 324 19.14 6.23 -2.84
N ALA A 325 19.90 6.87 -3.71
CA ALA A 325 20.23 8.27 -3.51
C ALA A 325 19.00 9.18 -3.54
N VAL A 326 18.05 8.88 -4.44
CA VAL A 326 16.87 9.71 -4.60
C VAL A 326 15.69 9.17 -3.80
N TYR A 327 15.34 7.92 -4.03
CA TYR A 327 14.13 7.36 -3.43
C TYR A 327 14.35 6.82 -2.03
N TYR A 328 15.60 6.89 -1.57
CA TYR A 328 15.93 6.48 -0.21
C TYR A 328 15.47 5.06 0.10
N GLY A 329 15.42 4.22 -0.92
CA GLY A 329 14.98 2.84 -0.76
C GLY A 329 13.48 2.67 -0.58
N ASN A 330 12.74 3.76 -0.58
CA ASN A 330 11.29 3.70 -0.40
C ASN A 330 10.50 3.44 -1.70
N GLY A 331 11.14 3.60 -2.84
CA GLY A 331 10.45 3.43 -4.11
C GLY A 331 10.53 2.02 -4.65
N LEU A 332 9.75 1.75 -5.69
CA LEU A 332 9.81 0.46 -6.37
C LEU A 332 10.34 0.67 -7.79
N ARG A 333 11.33 -0.10 -8.18
CA ARG A 333 11.91 0.06 -9.52
C ARG A 333 10.84 -0.26 -10.57
N ALA A 334 10.75 0.59 -11.59
CA ALA A 334 9.72 0.43 -12.61
C ALA A 334 10.03 -0.72 -13.54
N ARG A 335 9.02 -1.55 -13.81
CA ARG A 335 9.09 -2.66 -14.76
C ARG A 335 8.16 -2.43 -15.97
N SER A 336 7.48 -1.29 -15.96
CA SER A 336 6.55 -0.89 -16.99
C SER A 336 6.16 0.53 -16.64
N ILE A 337 5.48 1.25 -17.52
CA ILE A 337 4.95 2.55 -17.13
C ILE A 337 3.95 2.41 -15.97
N LEU A 338 3.23 1.28 -15.93
CA LEU A 338 2.23 1.05 -14.91
C LEU A 338 2.86 0.56 -13.62
N PRO A 339 2.43 1.10 -12.47
CA PRO A 339 2.89 0.59 -11.18
C PRO A 339 2.35 -0.82 -10.98
N PRO A 340 3.04 -1.65 -10.17
CA PRO A 340 2.67 -3.05 -10.03
C PRO A 340 1.32 -3.25 -9.38
N THR A 341 0.75 -2.18 -8.80
CA THR A 341 -0.57 -2.25 -8.19
C THR A 341 -1.71 -1.94 -9.17
N SER A 342 -1.36 -1.53 -10.39
CA SER A 342 -2.36 -1.35 -11.44
C SER A 342 -2.86 -2.71 -11.91
N TRP A 343 -4.17 -2.85 -12.10
CA TRP A 343 -4.67 -4.15 -12.51
C TRP A 343 -4.19 -4.58 -13.89
N ALA A 344 -3.73 -3.62 -14.68
CA ALA A 344 -3.23 -3.93 -16.01
C ALA A 344 -1.71 -4.09 -16.04
N PHE A 345 -1.09 -4.05 -14.87
CA PHE A 345 0.37 -4.06 -14.84
C PHE A 345 0.91 -5.33 -15.47
N GLU A 346 1.94 -5.15 -16.28
CA GLU A 346 2.65 -6.28 -16.85
C GLU A 346 4.12 -5.91 -16.99
N PRO A 347 5.00 -6.67 -16.33
CA PRO A 347 6.43 -6.38 -16.35
C PRO A 347 7.01 -6.57 -17.74
N GLN A 348 7.84 -5.64 -18.17
CA GLN A 348 8.27 -5.67 -19.55
C GLN A 348 9.57 -6.42 -19.69
N LYS A 349 9.53 -7.46 -20.52
CA LYS A 349 10.70 -8.30 -20.71
C LYS A 349 11.84 -7.51 -21.32
N ASN A 350 11.53 -6.38 -21.97
CA ASN A 350 12.54 -5.61 -22.69
C ASN A 350 13.06 -4.33 -22.03
N MET A 351 12.83 -4.18 -20.73
CA MET A 351 13.33 -3.00 -20.02
C MET A 351 14.84 -2.91 -20.16
N PRO A 352 15.34 -1.70 -20.40
CA PRO A 352 16.77 -1.53 -20.65
C PRO A 352 17.52 -1.88 -19.39
N ILE A 353 18.73 -2.44 -19.52
CA ILE A 353 19.55 -2.63 -18.34
C ILE A 353 20.68 -1.61 -18.30
N PHE A 354 21.01 -1.15 -17.10
CA PHE A 354 22.14 -0.26 -16.93
C PHE A 354 23.41 -0.95 -17.43
N ASP A 355 24.00 -0.39 -18.48
CA ASP A 355 25.20 -0.95 -19.09
C ASP A 355 25.91 0.16 -19.86
N PRO A 356 26.84 0.86 -19.20
CA PRO A 356 27.47 2.07 -19.74
C PRO A 356 28.27 1.81 -21.01
N GLN A 357 28.89 0.63 -21.11
CA GLN A 357 29.68 0.28 -22.29
C GLN A 357 28.76 0.04 -23.50
N LEU A 358 27.59 -0.53 -23.24
CA LEU A 358 26.61 -0.75 -24.28
C LEU A 358 26.03 0.58 -24.77
N ALA A 359 25.86 1.53 -23.85
CA ALA A 359 25.35 2.84 -24.18
C ALA A 359 26.30 3.58 -25.13
N LYS A 360 27.59 3.52 -24.80
CA LYS A 360 28.64 4.07 -25.63
C LYS A 360 28.62 3.38 -27.00
N LYS A 361 28.52 2.05 -26.97
CA LYS A 361 28.48 1.25 -28.18
C LYS A 361 27.30 1.62 -29.08
N LEU A 362 26.29 2.28 -28.52
CA LEU A 362 25.09 2.59 -29.27
C LEU A 362 25.09 4.00 -29.80
N LEU A 363 25.62 4.91 -28.99
CA LEU A 363 25.70 6.30 -29.40
C LEU A 363 26.53 6.37 -30.66
N THR A 364 27.71 5.77 -30.62
CA THR A 364 28.51 5.57 -31.82
C THR A 364 27.87 4.43 -32.58
N GLU A 365 27.31 4.73 -33.75
CA GLU A 365 26.42 3.81 -34.47
C GLU A 365 25.05 4.47 -34.45
N ALA A 366 25.07 5.73 -34.07
CA ALA A 366 23.89 6.56 -34.05
C ALA A 366 24.11 7.88 -34.77
N GLY A 367 25.36 8.32 -34.98
CA GLY A 367 26.57 7.60 -34.59
C GLY A 367 27.44 8.55 -33.80
N TYR A 368 26.83 9.10 -32.75
CA TYR A 368 27.40 10.16 -31.94
C TYR A 368 28.60 9.72 -31.11
N GLU A 369 29.74 9.55 -31.78
CA GLU A 369 30.95 9.11 -31.11
C GLU A 369 31.45 10.15 -30.11
N LYS A 370 31.66 11.38 -30.57
CA LYS A 370 32.02 12.46 -29.67
C LYS A 370 30.81 12.84 -28.85
N GLY A 371 29.75 12.04 -29.00
CA GLY A 371 28.50 12.29 -28.31
C GLY A 371 27.95 13.68 -28.59
N PHE A 372 27.16 14.19 -27.67
CA PHE A 372 26.49 15.48 -27.87
C PHE A 372 26.14 16.13 -26.56
N ASP A 373 25.54 17.31 -26.64
CA ASP A 373 25.00 18.01 -25.49
C ASP A 373 23.48 17.80 -25.41
N MET A 374 22.93 17.80 -24.20
CA MET A 374 21.49 17.80 -24.04
C MET A 374 21.09 18.44 -22.73
N SER A 375 19.82 18.85 -22.66
CA SER A 375 19.26 19.31 -21.40
C SER A 375 18.45 18.19 -20.75
N ILE A 376 18.44 18.19 -19.43
CA ILE A 376 17.48 17.44 -18.67
C ILE A 376 16.76 18.45 -17.80
N TRP A 377 15.46 18.56 -18.02
CA TRP A 377 14.65 19.44 -17.21
C TRP A 377 14.25 18.74 -15.92
N ALA A 378 14.45 19.43 -14.79
CA ALA A 378 14.20 18.85 -13.47
C ALA A 378 13.18 19.66 -12.67
N MET A 379 12.18 18.96 -12.13
CA MET A 379 11.15 19.58 -11.29
C MET A 379 11.75 20.23 -10.04
N PRO A 380 11.21 21.40 -9.65
CA PRO A 380 11.72 22.18 -8.52
C PRO A 380 11.16 21.74 -7.16
N VAL A 381 10.15 20.89 -7.17
CA VAL A 381 9.47 20.48 -5.96
C VAL A 381 9.35 18.95 -5.90
N SER A 382 9.20 18.43 -4.69
CA SER A 382 8.99 16.99 -4.48
C SER A 382 7.60 16.53 -4.94
N ARG A 383 7.55 15.40 -5.66
CA ARG A 383 6.27 14.80 -6.06
C ARG A 383 6.29 13.36 -5.59
N ILE A 384 5.12 12.74 -5.53
CA ILE A 384 5.04 11.35 -5.12
C ILE A 384 5.96 10.49 -5.96
N TYR A 385 5.95 10.71 -7.26
CA TYR A 385 6.70 9.86 -8.18
C TYR A 385 8.17 10.22 -8.27
N ASN A 386 8.57 11.33 -7.66
CA ASN A 386 9.96 11.75 -7.70
C ASN A 386 10.29 12.80 -6.62
N PRO A 387 10.86 12.27 -5.45
CA PRO A 387 11.05 13.29 -4.39
C PRO A 387 12.23 14.27 -4.55
N ASN A 388 13.08 14.06 -5.54
CA ASN A 388 14.18 14.98 -5.79
C ASN A 388 14.68 14.96 -7.23
N ALA A 389 13.95 15.62 -8.12
CA ALA A 389 14.29 15.60 -9.53
C ALA A 389 15.67 16.18 -9.78
N ARG A 390 16.04 17.17 -8.97
CA ARG A 390 17.34 17.84 -9.07
C ARG A 390 18.46 16.86 -8.81
N LYS A 391 18.39 16.18 -7.66
CA LYS A 391 19.36 15.17 -7.30
C LYS A 391 19.41 14.09 -8.37
N MET A 392 18.24 13.66 -8.84
CA MET A 392 18.19 12.66 -9.90
C MET A 392 18.87 13.15 -11.17
N ALA A 393 18.65 14.40 -11.52
CA ALA A 393 19.24 14.97 -12.74
C ALA A 393 20.76 15.08 -12.63
N GLU A 394 21.24 15.38 -11.42
CA GLU A 394 22.66 15.44 -11.17
C GLU A 394 23.30 14.05 -11.25
N LEU A 395 22.62 13.03 -10.74
CA LEU A 395 23.15 11.68 -10.85
C LEU A 395 23.24 11.27 -12.32
N MET A 396 22.22 11.60 -13.09
CA MET A 396 22.20 11.25 -14.52
C MET A 396 23.24 12.04 -15.31
N GLN A 397 23.46 13.28 -14.90
CA GLN A 397 24.49 14.13 -15.46
C GLN A 397 25.87 13.45 -15.35
N SER A 398 26.20 12.97 -14.17
CA SER A 398 27.41 12.18 -13.98
C SER A 398 27.43 10.92 -14.84
N ASP A 399 26.33 10.16 -14.84
CA ASP A 399 26.27 8.92 -15.61
C ASP A 399 26.52 9.13 -17.09
N LEU A 400 25.90 10.16 -17.67
CA LEU A 400 25.93 10.41 -19.11
C LEU A 400 27.25 11.00 -19.58
N ARG A 401 27.83 11.86 -18.75
CA ARG A 401 29.15 12.40 -19.03
C ARG A 401 30.12 11.27 -19.37
N LYS A 402 29.90 10.10 -18.77
CA LYS A 402 30.82 8.97 -18.90
C LYS A 402 30.79 8.28 -20.27
N ILE A 403 29.66 8.38 -20.95
CA ILE A 403 29.59 7.94 -22.33
C ILE A 403 29.74 9.14 -23.23
N GLY A 404 29.99 10.31 -22.64
CA GLY A 404 30.29 11.50 -23.40
C GLY A 404 29.10 12.39 -23.73
N VAL A 405 28.00 12.21 -23.01
CA VAL A 405 26.87 13.12 -23.16
C VAL A 405 26.89 14.22 -22.10
N ASN A 406 26.96 15.45 -22.57
CA ASN A 406 27.13 16.63 -21.72
C ASN A 406 25.78 17.20 -21.35
N VAL A 407 25.32 16.88 -20.14
CA VAL A 407 24.01 17.30 -19.69
C VAL A 407 24.07 18.68 -19.02
N ASN A 408 23.16 19.55 -19.40
CA ASN A 408 22.92 20.74 -18.62
C ASN A 408 21.54 20.61 -17.99
N ILE A 409 21.40 21.05 -16.75
CA ILE A 409 20.15 20.88 -16.01
C ILE A 409 19.33 22.16 -15.99
N VAL A 410 18.08 22.06 -16.41
CA VAL A 410 17.20 23.23 -16.43
C VAL A 410 16.10 23.11 -15.38
N GLU A 411 15.86 24.20 -14.66
CA GLU A 411 14.87 24.17 -13.60
C GLU A 411 14.19 25.53 -13.44
N TYR A 412 12.86 25.52 -13.30
CA TYR A 412 12.11 26.74 -13.09
C TYR A 412 11.01 26.48 -12.06
N GLU A 413 10.43 27.56 -11.52
CA GLU A 413 9.25 27.48 -10.67
C GLU A 413 8.27 26.44 -11.21
N TRP A 414 7.69 25.65 -10.30
CA TRP A 414 6.85 24.50 -10.65
C TRP A 414 5.84 24.78 -11.74
N ASN A 415 4.97 25.76 -11.53
CA ASN A 415 3.95 26.08 -12.54
C ASN A 415 4.52 26.57 -13.87
N THR A 416 5.57 27.38 -13.80
CA THR A 416 6.29 27.84 -14.99
C THR A 416 6.87 26.66 -15.74
N PHE A 417 7.47 25.75 -14.97
CA PHE A 417 8.07 24.52 -15.47
C PHE A 417 7.09 23.74 -16.32
N ILE A 418 5.91 23.49 -15.76
CA ILE A 418 4.86 22.73 -16.44
C ILE A 418 4.51 23.37 -17.78
N GLN A 419 4.35 24.69 -17.75
CA GLN A 419 4.00 25.47 -18.92
C GLN A 419 5.05 25.32 -20.04
N ARG A 420 6.33 25.44 -19.68
CA ARG A 420 7.39 25.37 -20.66
C ARG A 420 7.62 23.94 -21.19
N ILE A 421 7.25 22.94 -20.39
CA ILE A 421 7.27 21.56 -20.85
C ILE A 421 6.10 21.31 -21.83
N GLY A 422 4.96 21.96 -21.57
CA GLY A 422 3.83 21.89 -22.48
C GLY A 422 4.13 22.56 -23.80
N GLU A 423 5.11 23.48 -23.79
CA GLU A 423 5.55 24.17 -24.99
C GLU A 423 6.74 23.47 -25.61
N HIS A 424 6.98 22.25 -25.13
CA HIS A 424 8.10 21.41 -25.54
C HIS A 424 9.45 22.14 -25.78
N ARG A 425 9.82 23.00 -24.84
CA ARG A 425 11.11 23.71 -24.92
C ARG A 425 12.30 22.81 -24.56
N HIS A 426 12.02 21.63 -24.03
CA HIS A 426 13.06 20.75 -23.48
C HIS A 426 13.59 19.76 -24.47
N ASP A 427 14.78 19.24 -24.18
CA ASP A 427 15.30 18.05 -24.86
C ASP A 427 14.72 16.83 -24.19
N SER A 428 14.80 16.85 -22.86
CA SER A 428 14.30 15.76 -22.02
C SER A 428 13.91 16.34 -20.67
N VAL A 429 13.06 15.62 -19.96
CA VAL A 429 12.55 16.10 -18.69
C VAL A 429 12.27 14.94 -17.75
N LEU A 430 12.51 15.19 -16.47
CA LEU A 430 12.13 14.28 -15.41
C LEU A 430 10.77 14.72 -14.94
N LEU A 431 9.76 13.89 -15.18
CA LEU A 431 8.40 14.18 -14.77
C LEU A 431 7.73 12.88 -14.37
N GLY A 432 6.41 12.84 -14.46
CA GLY A 432 5.68 11.62 -14.14
C GLY A 432 4.20 11.89 -14.02
N TRP A 433 3.50 10.99 -13.36
CA TRP A 433 2.07 11.12 -13.22
C TRP A 433 1.64 10.48 -11.93
N ALA A 434 0.85 11.21 -11.15
CA ALA A 434 0.15 10.63 -10.02
C ALA A 434 -1.31 10.32 -10.43
N ALA A 435 -1.64 9.05 -10.50
CA ALA A 435 -2.92 8.62 -11.03
C ALA A 435 -4.12 9.28 -10.36
N ASP A 436 -5.12 9.64 -11.17
CA ASP A 436 -6.34 10.26 -10.67
C ASP A 436 -7.39 9.20 -10.34
N THR A 437 -7.29 8.05 -10.98
CA THR A 437 -8.21 6.94 -10.74
C THR A 437 -7.43 5.64 -10.84
N PRO A 438 -8.05 4.51 -10.44
CA PRO A 438 -7.43 3.20 -10.63
C PRO A 438 -7.78 2.57 -11.99
N ASP A 439 -8.40 3.35 -12.88
CA ASP A 439 -8.59 2.89 -14.24
C ASP A 439 -7.29 3.11 -15.03
N PRO A 440 -6.71 2.02 -15.55
CA PRO A 440 -5.42 2.04 -16.26
C PRO A 440 -5.35 3.03 -17.42
N ASP A 441 -6.48 3.37 -18.01
CA ASP A 441 -6.46 4.33 -19.09
C ASP A 441 -5.88 5.66 -18.61
N ASN A 442 -5.95 5.88 -17.31
CA ASN A 442 -5.46 7.14 -16.71
C ASN A 442 -3.94 7.32 -16.81
N PHE A 443 -3.23 6.22 -17.05
CA PHE A 443 -1.78 6.28 -17.25
C PHE A 443 -1.43 6.44 -18.73
N PHE A 444 -2.43 6.41 -19.60
CA PHE A 444 -2.19 6.38 -21.03
C PHE A 444 -2.79 7.56 -21.74
N SER A 445 -4.11 7.65 -21.72
CA SER A 445 -4.79 8.73 -22.44
C SER A 445 -4.38 10.15 -22.03
N PRO A 446 -4.22 10.43 -20.72
CA PRO A 446 -3.84 11.80 -20.35
C PRO A 446 -2.36 12.11 -20.53
N LEU A 447 -1.58 11.15 -21.02
CA LEU A 447 -0.14 11.28 -20.99
C LEU A 447 0.47 11.19 -22.36
N LEU A 448 0.21 10.05 -23.02
CA LEU A 448 0.90 9.70 -24.26
C LEU A 448 0.05 9.71 -25.56
N SER A 449 -1.24 10.02 -25.46
CA SER A 449 -2.09 10.02 -26.64
C SER A 449 -1.85 11.22 -27.54
N CYS A 450 -2.39 11.16 -28.76
CA CYS A 450 -2.30 12.31 -29.65
C CYS A 450 -3.05 13.51 -29.11
N THR A 451 -4.25 13.30 -28.59
CA THR A 451 -5.00 14.37 -27.96
C THR A 451 -4.24 14.96 -26.76
N ALA A 452 -3.53 14.11 -26.01
CA ALA A 452 -2.70 14.59 -24.92
C ALA A 452 -1.62 15.52 -25.45
N THR A 453 -1.00 15.10 -26.56
CA THR A 453 0.05 15.88 -27.19
C THR A 453 -0.47 17.22 -27.68
N PHE A 454 -1.65 17.20 -28.29
CA PHE A 454 -2.25 18.43 -28.83
C PHE A 454 -2.65 19.40 -27.72
N SER A 455 -2.82 18.89 -26.51
CA SER A 455 -3.16 19.72 -25.36
C SER A 455 -1.93 20.24 -24.61
N GLY A 456 -0.76 19.88 -25.08
CA GLY A 456 0.46 20.32 -24.43
C GLY A 456 0.72 19.60 -23.13
N LYS A 457 0.22 18.37 -23.02
CA LYS A 457 0.34 17.61 -21.78
C LYS A 457 1.17 16.33 -21.90
N ASN A 458 1.75 16.12 -23.08
CA ASN A 458 2.56 14.94 -23.34
C ASN A 458 4.04 15.31 -23.32
N PRO A 459 4.76 14.98 -22.24
CA PRO A 459 6.15 15.43 -22.11
C PRO A 459 7.08 14.79 -23.13
N ALA A 460 6.64 13.74 -23.81
CA ALA A 460 7.45 13.13 -24.86
C ALA A 460 7.16 13.73 -26.24
N ASN A 461 6.20 14.64 -26.32
CA ASN A 461 5.87 15.27 -27.58
C ASN A 461 5.73 14.20 -28.64
N TRP A 462 4.95 13.18 -28.33
CA TRP A 462 4.90 11.94 -29.09
C TRP A 462 3.48 11.60 -29.54
N CYS A 463 3.20 11.83 -30.82
CA CYS A 463 1.92 11.44 -31.36
C CYS A 463 2.11 10.19 -32.21
N ASN A 464 1.60 9.07 -31.70
CA ASN A 464 1.70 7.78 -32.38
C ASN A 464 0.30 7.20 -32.51
N PRO A 465 -0.33 7.40 -33.69
CA PRO A 465 -1.71 6.94 -33.85
C PRO A 465 -1.87 5.43 -33.64
N GLU A 466 -0.82 4.68 -33.93
CA GLU A 466 -0.79 3.25 -33.72
C GLU A 466 -0.98 2.91 -32.24
N PHE A 467 -0.27 3.63 -31.39
CA PHE A 467 -0.39 3.54 -29.93
C PHE A 467 -1.81 3.90 -29.51
N ASP A 468 -2.32 5.01 -30.04
CA ASP A 468 -3.64 5.55 -29.65
C ASP A 468 -4.74 4.56 -29.99
N LEU A 469 -4.56 3.85 -31.10
CA LEU A 469 -5.53 2.88 -31.53
C LEU A 469 -5.67 1.79 -30.47
N LEU A 470 -4.56 1.39 -29.86
CA LEU A 470 -4.62 0.45 -28.75
C LEU A 470 -5.47 1.01 -27.63
N LEU A 471 -5.33 2.29 -27.36
CA LEU A 471 -6.07 2.92 -26.27
C LEU A 471 -7.56 2.93 -26.57
N THR A 472 -7.91 3.22 -27.81
CA THR A 472 -9.29 3.28 -28.23
C THR A 472 -9.98 1.92 -28.12
N LYS A 473 -9.30 0.87 -28.56
CA LYS A 473 -9.86 -0.46 -28.51
C LYS A 473 -10.10 -0.90 -27.06
N ALA A 474 -9.16 -0.54 -26.18
CA ALA A 474 -9.28 -0.83 -24.75
C ALA A 474 -10.46 -0.10 -24.14
N LEU A 475 -10.87 1.00 -24.77
CA LEU A 475 -12.00 1.76 -24.30
C LEU A 475 -13.30 1.34 -25.00
N ASP A 476 -13.14 0.54 -26.07
CA ASP A 476 -14.28 0.04 -26.84
C ASP A 476 -15.01 -1.11 -26.14
N THR A 477 -14.44 -1.60 -25.04
CA THR A 477 -15.02 -2.73 -24.33
C THR A 477 -14.86 -2.60 -22.82
N THR A 478 -15.81 -3.14 -22.06
CA THR A 478 -15.75 -3.12 -20.60
C THR A 478 -15.16 -4.43 -20.06
N ASP A 479 -14.95 -5.38 -20.95
CA ASP A 479 -14.39 -6.67 -20.56
C ASP A 479 -12.95 -6.53 -20.11
N LEU A 480 -12.67 -6.85 -18.85
CA LEU A 480 -11.35 -6.57 -18.27
C LEU A 480 -10.22 -7.38 -18.89
N ASN A 481 -10.52 -8.60 -19.29
CA ASN A 481 -9.51 -9.41 -19.94
C ASN A 481 -9.10 -8.80 -21.29
N LEU A 482 -10.08 -8.31 -22.04
CA LEU A 482 -9.82 -7.66 -23.32
C LEU A 482 -9.03 -6.35 -23.13
N ARG A 483 -9.51 -5.50 -22.23
CA ARG A 483 -8.80 -4.26 -21.88
C ARG A 483 -7.32 -4.53 -21.62
N LYS A 484 -7.03 -5.53 -20.79
CA LYS A 484 -5.64 -5.80 -20.44
C LYS A 484 -4.79 -6.26 -21.63
N GLN A 485 -5.40 -6.96 -22.58
CA GLN A 485 -4.68 -7.34 -23.80
C GLN A 485 -4.15 -6.10 -24.50
N TYR A 486 -5.02 -5.13 -24.66
CA TYR A 486 -4.62 -3.88 -25.28
C TYR A 486 -3.63 -3.11 -24.39
N TYR A 487 -3.90 -3.07 -23.09
CA TYR A 487 -2.98 -2.41 -22.18
C TYR A 487 -1.64 -3.13 -22.14
N ASP A 488 -1.66 -4.46 -22.32
CA ASP A 488 -0.40 -5.18 -22.45
C ASP A 488 0.38 -4.68 -23.67
N ALA A 489 -0.30 -4.59 -24.80
CA ALA A 489 0.38 -4.20 -26.02
C ALA A 489 0.89 -2.78 -25.87
N ALA A 490 0.14 -1.96 -25.13
CA ALA A 490 0.49 -0.57 -24.94
C ALA A 490 1.77 -0.42 -24.12
N GLN A 491 1.87 -1.20 -23.05
CA GLN A 491 3.04 -1.13 -22.19
C GLN A 491 4.27 -1.55 -22.97
N SER A 492 4.12 -2.57 -23.81
CA SER A 492 5.23 -3.07 -24.62
C SER A 492 5.76 -2.03 -25.61
N MET A 493 4.82 -1.32 -26.25
CA MET A 493 5.16 -0.34 -27.26
C MET A 493 5.96 0.80 -26.64
N ILE A 494 5.54 1.22 -25.45
CA ILE A 494 6.23 2.29 -24.76
C ILE A 494 7.69 1.91 -24.49
N ILE A 495 7.93 0.65 -24.14
CA ILE A 495 9.29 0.16 -23.92
C ILE A 495 10.06 0.03 -25.22
N GLU A 496 9.39 -0.43 -26.27
CA GLU A 496 10.02 -0.58 -27.59
C GLU A 496 10.42 0.76 -28.14
N GLN A 497 9.50 1.72 -28.06
CA GLN A 497 9.70 3.01 -28.71
C GLN A 497 10.35 4.04 -27.79
N LEU A 498 10.24 3.81 -26.49
CA LEU A 498 10.84 4.71 -25.50
C LEU A 498 10.56 6.19 -25.70
N PRO A 499 9.29 6.57 -25.85
CA PRO A 499 9.00 8.00 -25.79
C PRO A 499 9.42 8.50 -24.41
N LEU A 500 9.18 7.70 -23.40
CA LEU A 500 9.70 7.98 -22.08
C LEU A 500 10.17 6.68 -21.45
N TYR A 501 10.98 6.81 -20.41
CA TYR A 501 11.57 5.67 -19.73
C TYR A 501 11.06 5.64 -18.30
N PRO A 502 10.21 4.64 -17.98
CA PRO A 502 9.73 4.46 -16.61
C PRO A 502 10.91 4.26 -15.69
N ILE A 503 10.97 5.03 -14.61
CA ILE A 503 12.10 4.88 -13.69
C ILE A 503 11.67 4.17 -12.41
N ALA A 504 10.69 4.73 -11.72
CA ALA A 504 10.31 4.21 -10.41
C ALA A 504 8.90 4.62 -10.01
N HIS A 505 8.40 4.01 -8.95
CA HIS A 505 7.13 4.39 -8.37
C HIS A 505 7.38 4.75 -6.91
N GLY A 506 6.94 5.95 -6.50
CA GLY A 506 7.18 6.42 -5.14
C GLY A 506 6.11 6.03 -4.13
N MET A 507 6.44 6.19 -2.85
CA MET A 507 5.46 6.09 -1.76
C MET A 507 4.86 7.47 -1.54
N ARG A 508 3.60 7.52 -1.13
CA ARG A 508 2.96 8.77 -0.82
C ARG A 508 3.15 9.14 0.66
N PHE A 509 3.90 10.21 0.93
CA PHE A 509 4.16 10.64 2.30
C PHE A 509 3.44 11.94 2.66
N GLN A 510 3.06 12.09 3.92
CA GLN A 510 2.62 13.38 4.44
C GLN A 510 2.94 13.52 5.93
N ALA A 511 3.48 14.68 6.30
CA ALA A 511 3.77 14.93 7.70
C ALA A 511 2.71 15.83 8.32
N SER A 512 2.39 15.58 9.58
CA SER A 512 1.47 16.46 10.27
C SER A 512 1.67 16.44 11.78
N SER A 513 1.23 17.50 12.43
CA SER A 513 1.14 17.52 13.88
C SER A 513 0.28 16.35 14.40
N ALA A 514 0.72 15.76 15.50
CA ALA A 514 -0.03 14.67 16.09
C ALA A 514 -1.40 15.16 16.52
N ASP A 515 -1.61 16.47 16.50
CA ASP A 515 -2.90 17.04 16.85
C ASP A 515 -3.94 16.81 15.77
N VAL A 516 -3.49 16.43 14.57
CA VAL A 516 -4.39 16.33 13.44
C VAL A 516 -4.81 14.90 13.18
N GLU A 517 -6.04 14.77 12.68
CA GLU A 517 -6.58 13.49 12.26
C GLU A 517 -7.64 13.71 11.19
N GLY A 518 -8.07 12.62 10.57
CA GLY A 518 -9.12 12.66 9.57
C GLY A 518 -8.65 13.03 8.17
N ILE A 519 -7.33 13.08 7.98
CA ILE A 519 -6.77 13.47 6.69
C ILE A 519 -6.62 12.26 5.78
N THR A 520 -7.03 12.41 4.51
CA THR A 520 -6.96 11.31 3.54
C THR A 520 -5.99 11.53 2.36
N LEU A 521 -5.03 10.64 2.25
CA LEU A 521 -4.12 10.59 1.10
C LEU A 521 -4.63 9.72 -0.05
N GLY A 522 -4.49 8.40 0.11
CA GLY A 522 -5.01 7.43 -0.84
C GLY A 522 -4.08 6.97 -1.97
N PRO A 523 -4.44 5.85 -2.63
CA PRO A 523 -3.64 5.26 -3.72
C PRO A 523 -3.86 5.98 -5.06
N PHE A 524 -4.78 6.94 -5.05
CA PHE A 524 -4.98 7.80 -6.23
C PHE A 524 -5.69 9.10 -5.84
N GLY A 525 -5.66 10.08 -6.74
CA GLY A 525 -6.43 11.30 -6.53
C GLY A 525 -5.80 12.30 -5.59
N ALA A 526 -6.42 13.46 -5.50
CA ALA A 526 -5.91 14.55 -4.69
C ALA A 526 -6.14 14.36 -3.20
N ILE A 527 -5.36 15.08 -2.41
CA ILE A 527 -5.50 15.11 -0.96
C ILE A 527 -6.86 15.70 -0.59
N SER A 528 -7.44 15.24 0.52
CA SER A 528 -8.69 15.84 1.01
C SER A 528 -8.60 16.17 2.49
N LEU A 529 -9.03 17.39 2.81
CA LEU A 529 -9.13 17.84 4.21
C LEU A 529 -10.59 17.95 4.63
N ALA A 530 -11.47 17.34 3.84
CA ALA A 530 -12.90 17.37 4.11
C ALA A 530 -13.26 16.87 5.51
N ASN A 531 -12.54 15.88 6.01
CA ASN A 531 -12.82 15.30 7.33
C ASN A 531 -11.77 15.63 8.37
N ALA A 532 -10.86 16.53 8.04
CA ALA A 532 -9.81 16.92 8.96
C ALA A 532 -10.36 17.58 10.23
N ARG A 533 -9.64 17.40 11.33
CA ARG A 533 -9.95 18.06 12.60
C ARG A 533 -8.72 18.10 13.49
N LYS A 534 -8.71 18.95 14.50
CA LYS A 534 -7.60 19.00 15.44
C LYS A 534 -7.96 18.49 16.85
N LYS A 535 -6.94 18.38 17.70
CA LYS A 535 -7.10 17.86 19.06
C LYS A 535 -7.30 16.36 19.02
N GLN B 29 -7.46 4.87 33.72
CA GLN B 29 -8.23 4.29 32.62
C GLN B 29 -7.58 3.08 31.96
N GLY B 30 -8.43 2.17 31.48
CA GLY B 30 -7.97 0.96 30.82
C GLY B 30 -8.53 0.82 29.43
N LEU B 31 -8.08 -0.23 28.74
CA LEU B 31 -8.62 -0.58 27.44
C LEU B 31 -8.96 -2.05 27.43
N VAL B 32 -10.04 -2.40 26.74
CA VAL B 32 -10.43 -3.79 26.54
C VAL B 32 -10.32 -4.16 25.06
N TYR B 33 -9.50 -5.16 24.78
CA TYR B 33 -9.28 -5.64 23.42
C TYR B 33 -10.00 -6.96 23.18
N CYS B 34 -10.89 -7.00 22.18
CA CYS B 34 -11.61 -8.23 21.86
C CYS B 34 -10.78 -9.10 20.94
N ALA B 35 -10.21 -10.15 21.53
CA ALA B 35 -9.26 -11.00 20.82
C ALA B 35 -9.93 -12.26 20.30
N GLU B 36 -9.43 -12.77 19.18
CA GLU B 36 -10.06 -13.91 18.52
C GLU B 36 -9.69 -15.27 19.09
N ALA B 37 -8.62 -15.35 19.88
CA ALA B 37 -8.18 -16.64 20.42
C ALA B 37 -7.34 -16.52 21.70
N ASN B 38 -7.24 -17.62 22.43
CA ASN B 38 -6.29 -17.71 23.53
C ASN B 38 -4.87 -17.60 22.99
N PRO B 39 -3.93 -17.11 23.83
CA PRO B 39 -2.51 -17.25 23.48
C PRO B 39 -2.06 -18.68 23.79
N VAL B 40 -1.28 -19.29 22.91
CA VAL B 40 -0.75 -20.63 23.20
C VAL B 40 0.40 -20.58 24.21
N SER B 41 0.92 -19.39 24.45
CA SER B 41 2.07 -19.21 25.33
C SER B 41 2.26 -17.73 25.66
N PHE B 42 3.14 -17.43 26.59
CA PHE B 42 3.52 -16.05 26.82
C PHE B 42 4.95 -15.76 26.38
N ASN B 43 5.47 -16.70 25.58
CA ASN B 43 6.76 -16.54 24.94
C ASN B 43 6.66 -16.63 23.42
N PRO B 44 6.87 -15.51 22.73
CA PRO B 44 6.70 -15.43 21.29
C PRO B 44 7.57 -16.44 20.58
N GLN B 45 8.62 -16.90 21.25
CA GLN B 45 9.55 -17.84 20.63
C GLN B 45 8.91 -19.16 20.20
N VAL B 46 7.81 -19.55 20.83
CA VAL B 46 7.30 -20.90 20.68
C VAL B 46 6.12 -21.05 19.70
N THR B 47 5.80 -19.98 18.97
CA THR B 47 4.70 -20.05 18.02
C THR B 47 4.84 -19.12 16.83
N THR B 48 4.11 -19.43 15.76
CA THR B 48 3.97 -18.52 14.64
C THR B 48 2.53 -18.02 14.48
N THR B 49 1.70 -18.27 15.49
CA THR B 49 0.29 -17.90 15.38
C THR B 49 0.04 -16.43 15.75
N GLY B 50 -0.54 -15.69 14.81
CA GLY B 50 -0.70 -14.25 14.96
C GLY B 50 -1.53 -13.84 16.15
N SER B 51 -2.52 -14.65 16.48
CA SER B 51 -3.42 -14.34 17.57
C SER B 51 -2.66 -14.26 18.89
N THR B 52 -1.66 -15.11 19.02
CA THR B 52 -0.82 -15.11 20.21
C THR B 52 0.14 -13.92 20.20
N ILE B 53 0.88 -13.77 19.11
CA ILE B 53 1.82 -12.65 18.96
C ILE B 53 1.15 -11.28 19.17
N ASP B 54 -0.05 -11.10 18.62
CA ASP B 54 -0.80 -9.87 18.82
C ASP B 54 -1.05 -9.55 20.29
N ILE B 55 -1.18 -10.58 21.12
CA ILE B 55 -1.43 -10.36 22.54
C ILE B 55 -0.16 -10.03 23.31
N ILE B 56 0.91 -10.77 23.07
CA ILE B 56 2.08 -10.78 23.96
C ILE B 56 3.32 -10.03 23.48
N ALA B 57 3.57 -10.01 22.17
CA ALA B 57 4.88 -9.58 21.66
C ALA B 57 5.23 -8.12 21.98
N ASN B 58 4.48 -7.18 21.41
CA ASN B 58 4.76 -5.76 21.61
C ASN B 58 4.36 -5.22 22.99
N GLN B 59 3.56 -6.00 23.71
CA GLN B 59 3.03 -5.53 24.97
C GLN B 59 3.93 -5.88 26.15
N LEU B 60 4.45 -7.10 26.16
CA LEU B 60 5.27 -7.55 27.28
C LEU B 60 6.76 -7.35 27.04
N TYR B 61 7.17 -7.24 25.77
CA TYR B 61 8.59 -7.36 25.40
C TYR B 61 9.11 -6.24 24.50
N ASP B 62 10.43 -6.26 24.29
CA ASP B 62 11.13 -5.44 23.28
C ASP B 62 12.11 -6.33 22.50
N ARG B 63 12.26 -6.06 21.20
CA ARG B 63 13.26 -6.72 20.40
C ARG B 63 14.58 -5.95 20.49
N LEU B 64 15.61 -6.48 19.85
CA LEU B 64 16.87 -5.75 19.72
C LEU B 64 16.70 -4.59 18.75
N ILE B 65 16.05 -4.87 17.63
CA ILE B 65 15.73 -3.85 16.64
C ILE B 65 14.32 -4.03 16.08
N SER B 66 13.88 -3.04 15.31
CA SER B 66 12.61 -3.12 14.59
C SER B 66 12.78 -2.43 13.25
N ILE B 67 11.69 -2.25 12.54
CA ILE B 67 11.73 -1.47 11.30
C ILE B 67 10.86 -0.25 11.42
N ASP B 68 11.46 0.90 11.19
CA ASP B 68 10.79 2.18 11.37
C ASP B 68 9.60 2.29 10.41
N PRO B 69 8.45 2.73 10.93
CA PRO B 69 7.24 2.76 10.10
C PRO B 69 7.25 3.92 9.11
N VAL B 70 8.16 4.87 9.29
CA VAL B 70 8.24 6.01 8.41
C VAL B 70 9.36 5.79 7.43
N THR B 71 10.55 5.61 7.96
CA THR B 71 11.74 5.51 7.13
C THR B 71 11.94 4.11 6.55
N ALA B 72 11.22 3.13 7.10
CA ALA B 72 11.42 1.73 6.71
C ALA B 72 12.86 1.25 6.92
N GLU B 73 13.59 1.92 7.82
CA GLU B 73 14.97 1.52 8.15
C GLU B 73 14.99 0.71 9.42
N PHE B 74 16.02 -0.11 9.60
CA PHE B 74 16.16 -0.81 10.88
C PHE B 74 16.28 0.22 11.99
N LYS B 75 15.57 -0.03 13.09
CA LYS B 75 15.40 0.97 14.13
C LYS B 75 15.92 0.43 15.44
N SER B 76 16.55 1.30 16.20
CA SER B 76 17.08 0.96 17.51
C SER B 76 15.95 0.53 18.44
N GLU B 77 16.09 -0.65 19.06
CA GLU B 77 15.25 -1.00 20.21
C GLU B 77 16.03 -1.29 21.47
N LEU B 78 16.38 -2.56 21.71
CA LEU B 78 17.17 -2.88 22.90
C LEU B 78 18.62 -2.74 22.48
N ALA B 79 18.86 -2.78 21.18
CA ALA B 79 20.18 -2.53 20.63
C ALA B 79 20.26 -1.08 20.15
N THR B 80 21.27 -0.35 20.63
CA THR B 80 21.46 1.05 20.24
C THR B 80 22.27 1.19 18.96
N ASP B 81 22.88 0.10 18.53
CA ASP B 81 23.72 0.10 17.34
C ASP B 81 23.95 -1.33 16.88
N TRP B 82 24.17 -1.50 15.59
CA TRP B 82 24.49 -2.80 15.03
C TRP B 82 25.41 -2.61 13.84
N LYS B 83 26.38 -3.51 13.67
CA LYS B 83 27.28 -3.40 12.54
C LYS B 83 27.68 -4.78 12.01
N ILE B 84 27.50 -4.96 10.72
CA ILE B 84 27.74 -6.24 10.08
C ILE B 84 29.12 -6.22 9.47
N SER B 85 29.80 -7.36 9.50
CA SER B 85 31.15 -7.47 8.96
C SER B 85 31.13 -7.44 7.43
N LYS B 86 32.26 -7.11 6.80
CA LYS B 86 32.33 -7.06 5.35
C LYS B 86 31.85 -8.36 4.75
N ASP B 87 32.29 -9.47 5.35
CA ASP B 87 31.91 -10.79 4.83
C ASP B 87 30.50 -11.17 5.29
N GLY B 88 29.84 -10.26 6.02
CA GLY B 88 28.48 -10.46 6.46
C GLY B 88 28.28 -11.60 7.44
N LYS B 89 29.39 -12.13 7.97
CA LYS B 89 29.31 -13.32 8.82
C LYS B 89 29.46 -13.01 10.30
N SER B 90 29.62 -11.74 10.62
CA SER B 90 29.63 -11.33 12.01
C SER B 90 28.72 -10.10 12.14
N VAL B 91 27.86 -10.12 13.15
CA VAL B 91 26.98 -8.98 13.42
C VAL B 91 27.09 -8.60 14.90
N THR B 92 27.57 -7.39 15.15
CA THR B 92 27.76 -6.95 16.53
C THR B 92 26.67 -5.97 16.94
N PHE B 93 26.02 -6.29 18.04
CA PHE B 93 24.97 -5.44 18.59
C PHE B 93 25.49 -4.76 19.83
N THR B 94 25.25 -3.46 19.93
CA THR B 94 25.54 -2.72 21.14
C THR B 94 24.24 -2.55 21.89
N LEU B 95 24.24 -2.89 23.18
CA LEU B 95 23.01 -3.00 23.95
C LEU B 95 22.74 -1.78 24.82
N ARG B 96 21.47 -1.38 24.91
CA ARG B 96 21.08 -0.17 25.64
C ARG B 96 21.31 -0.28 27.16
N LYS B 97 21.82 0.79 27.77
CA LYS B 97 22.04 0.83 29.21
C LYS B 97 20.76 1.23 29.95
N GLY B 98 20.62 0.79 31.20
CA GLY B 98 19.56 1.30 32.05
C GLY B 98 18.17 0.74 31.84
N VAL B 99 18.08 -0.42 31.17
CA VAL B 99 16.80 -1.05 30.88
C VAL B 99 16.47 -2.06 31.96
N LYS B 100 15.29 -1.91 32.56
CA LYS B 100 14.83 -2.77 33.66
C LYS B 100 13.88 -3.85 33.18
N PHE B 101 14.02 -5.07 33.72
CA PHE B 101 12.99 -6.09 33.55
C PHE B 101 11.85 -5.84 34.51
N HIS B 102 10.68 -6.39 34.21
CA HIS B 102 9.49 -6.16 35.01
C HIS B 102 9.65 -6.69 36.41
N THR B 103 9.04 -5.97 37.36
CA THR B 103 8.83 -6.50 38.69
C THR B 103 7.42 -7.08 38.69
N THR B 104 7.34 -8.39 38.78
CA THR B 104 6.07 -9.07 38.71
C THR B 104 5.69 -9.62 40.08
N ALA B 105 4.50 -10.18 40.17
CA ALA B 105 4.09 -10.84 41.40
C ALA B 105 5.10 -11.95 41.74
N TYR B 106 5.73 -12.51 40.72
CA TYR B 106 6.53 -13.73 40.89
C TYR B 106 8.02 -13.55 40.64
N PHE B 107 8.46 -12.30 40.44
CA PHE B 107 9.85 -12.04 40.11
C PHE B 107 10.30 -10.61 40.38
N THR B 108 11.45 -10.48 41.03
CA THR B 108 12.06 -9.17 41.22
C THR B 108 13.52 -9.22 40.81
N PRO B 109 13.91 -8.41 39.81
CA PRO B 109 15.28 -8.46 39.30
C PRO B 109 16.30 -7.85 40.27
N THR B 110 17.56 -8.22 40.12
CA THR B 110 18.65 -7.59 40.88
C THR B 110 19.71 -6.96 39.98
N ARG B 111 19.48 -7.01 38.68
CA ARG B 111 20.35 -6.37 37.71
C ARG B 111 19.57 -6.01 36.47
N GLU B 112 20.13 -5.13 35.65
CA GLU B 112 19.44 -4.64 34.48
C GLU B 112 19.82 -5.43 33.24
N PHE B 113 19.14 -5.15 32.13
CA PHE B 113 19.33 -5.86 30.88
C PHE B 113 20.79 -5.76 30.44
N ASN B 114 21.34 -6.89 30.01
CA ASN B 114 22.71 -6.91 29.54
C ASN B 114 22.95 -8.03 28.54
N ALA B 115 24.21 -8.24 28.18
CA ALA B 115 24.59 -9.19 27.15
C ALA B 115 24.11 -10.60 27.46
N ASP B 116 24.24 -11.00 28.72
CA ASP B 116 23.87 -12.35 29.10
C ASP B 116 22.43 -12.65 28.73
N ASP B 117 21.57 -11.63 28.80
CA ASP B 117 20.16 -11.82 28.46
C ASP B 117 19.96 -12.12 26.98
N VAL B 118 20.68 -11.38 26.13
CA VAL B 118 20.65 -11.62 24.69
C VAL B 118 21.21 -13.02 24.34
N ILE B 119 22.29 -13.42 25.01
CA ILE B 119 22.94 -14.71 24.74
C ILE B 119 22.08 -15.86 25.17
N PHE B 120 21.55 -15.76 26.38
CA PHE B 120 20.59 -16.76 26.83
C PHE B 120 19.42 -16.88 25.86
N THR B 121 18.72 -15.77 25.63
CA THR B 121 17.51 -15.74 24.79
C THR B 121 17.68 -16.45 23.46
N PHE B 122 18.71 -16.07 22.72
CA PHE B 122 18.85 -16.57 21.38
C PHE B 122 19.57 -17.92 21.27
N SER B 123 20.46 -18.20 22.21
CA SER B 123 21.10 -19.52 22.23
C SER B 123 20.10 -20.61 22.58
N ARG B 124 19.06 -20.25 23.32
CA ARG B 124 17.96 -21.19 23.64
C ARG B 124 17.42 -21.83 22.37
N LEU B 125 17.50 -21.10 21.27
CA LEU B 125 16.92 -21.54 20.02
C LEU B 125 17.74 -22.62 19.32
N PHE B 126 19.02 -22.75 19.63
CA PHE B 126 19.87 -23.67 18.87
C PHE B 126 20.91 -24.45 19.67
N ASP B 127 21.18 -23.99 20.90
CA ASP B 127 22.25 -24.57 21.72
C ASP B 127 21.71 -25.62 22.70
N VAL B 128 22.05 -26.88 22.45
CA VAL B 128 21.55 -28.00 23.25
C VAL B 128 22.06 -27.97 24.69
N TYR B 129 23.07 -27.14 24.95
CA TYR B 129 23.60 -26.99 26.30
C TYR B 129 22.90 -25.89 27.08
N ASN B 130 22.12 -25.08 26.38
CA ASN B 130 21.30 -24.08 27.04
C ASN B 130 20.23 -24.81 27.84
N PRO B 131 20.12 -24.51 29.15
CA PRO B 131 19.22 -25.22 30.07
C PRO B 131 17.73 -25.05 29.76
N TYR B 132 17.41 -24.24 28.76
CA TYR B 132 16.02 -24.04 28.39
C TYR B 132 15.77 -24.50 26.98
N HIS B 133 16.80 -25.00 26.31
CA HIS B 133 16.64 -25.48 24.94
C HIS B 133 15.53 -26.50 24.80
N PHE B 134 15.38 -27.37 25.80
CA PHE B 134 14.35 -28.41 25.73
C PHE B 134 13.13 -28.11 26.60
N VAL B 135 13.12 -26.92 27.20
CA VAL B 135 12.08 -26.56 28.15
C VAL B 135 10.80 -26.08 27.48
N GLY B 136 9.66 -26.35 28.12
CA GLY B 136 8.37 -26.05 27.54
C GLY B 136 8.12 -27.12 26.51
N ASP B 137 7.57 -26.75 25.35
CA ASP B 137 7.43 -27.76 24.30
C ASP B 137 8.69 -27.88 23.45
N ALA B 138 9.73 -27.13 23.83
CA ALA B 138 11.05 -27.30 23.22
C ALA B 138 11.05 -27.12 21.70
N ASN B 139 10.18 -26.24 21.20
CA ASN B 139 9.94 -26.09 19.77
C ASN B 139 9.84 -24.62 19.38
N TYR B 140 10.66 -24.19 18.41
CA TYR B 140 10.75 -22.77 18.04
C TYR B 140 10.45 -22.59 16.55
N PRO B 141 9.15 -22.65 16.20
CA PRO B 141 8.75 -22.87 14.80
C PRO B 141 9.31 -21.84 13.81
N TYR B 142 9.25 -20.55 14.09
CA TYR B 142 9.74 -19.57 13.13
C TYR B 142 11.23 -19.73 12.85
N PHE B 143 12.01 -19.76 13.93
CA PHE B 143 13.45 -19.86 13.82
C PHE B 143 13.89 -21.21 13.27
N GLN B 144 13.20 -22.27 13.66
CA GLN B 144 13.54 -23.57 13.09
C GLN B 144 13.16 -23.62 11.63
N SER B 145 12.09 -22.93 11.25
CA SER B 145 11.61 -22.97 9.87
C SER B 145 12.59 -22.29 8.94
N VAL B 146 13.24 -21.25 9.44
CA VAL B 146 14.24 -20.55 8.65
C VAL B 146 15.64 -21.01 9.02
N GLY B 147 15.74 -22.18 9.65
CA GLY B 147 17.02 -22.83 9.88
C GLY B 147 18.01 -22.08 10.74
N ILE B 148 17.60 -21.75 11.95
CA ILE B 148 18.44 -20.98 12.86
C ILE B 148 19.69 -21.78 13.24
N ASP B 149 19.49 -23.09 13.38
CA ASP B 149 20.56 -23.99 13.79
C ASP B 149 21.73 -23.93 12.82
N GLN B 150 21.43 -23.71 11.54
CA GLN B 150 22.49 -23.70 10.54
C GLN B 150 22.94 -22.29 10.22
N LEU B 151 22.44 -21.33 10.98
CA LEU B 151 22.76 -19.95 10.71
C LEU B 151 23.73 -19.44 11.74
N ILE B 152 23.38 -19.60 13.01
CA ILE B 152 24.19 -19.04 14.09
C ILE B 152 25.18 -20.06 14.65
N ARG B 153 26.47 -19.73 14.56
CA ARG B 153 27.54 -20.58 15.05
C ARG B 153 27.71 -20.40 16.55
N LYS B 154 27.75 -19.16 16.99
CA LYS B 154 27.79 -18.83 18.41
C LYS B 154 27.54 -17.34 18.59
N ILE B 155 27.20 -16.95 19.81
CA ILE B 155 27.05 -15.56 20.14
C ILE B 155 28.06 -15.19 21.18
N VAL B 156 29.00 -14.34 20.80
CA VAL B 156 30.12 -14.01 21.67
C VAL B 156 29.82 -12.81 22.55
N ARG B 157 30.15 -12.96 23.83
CA ARG B 157 29.96 -11.89 24.80
C ARG B 157 31.14 -10.94 24.80
N VAL B 158 31.10 -9.97 23.91
CA VAL B 158 32.18 -9.02 23.80
C VAL B 158 32.35 -8.23 25.08
N SER B 159 31.24 -7.90 25.73
CA SER B 159 31.26 -7.16 27.00
C SER B 159 29.88 -7.20 27.65
N ASP B 160 29.71 -6.46 28.74
CA ASP B 160 28.42 -6.44 29.42
C ASP B 160 27.31 -5.94 28.50
N HIS B 161 27.62 -4.93 27.70
CA HIS B 161 26.60 -4.29 26.87
C HIS B 161 26.83 -4.43 25.37
N GLN B 162 27.46 -5.53 24.96
CA GLN B 162 27.75 -5.78 23.54
C GLN B 162 27.93 -7.27 23.22
N VAL B 163 27.38 -7.68 22.08
CA VAL B 163 27.45 -9.08 21.68
C VAL B 163 27.70 -9.22 20.19
N ARG B 164 28.35 -10.31 19.82
CA ARG B 164 28.67 -10.55 18.43
C ARG B 164 28.13 -11.89 18.00
N PHE B 165 27.08 -11.86 17.19
CA PHE B 165 26.58 -13.08 16.57
C PHE B 165 27.57 -13.54 15.50
N GLU B 166 27.96 -14.81 15.58
CA GLU B 166 28.81 -15.41 14.56
C GLU B 166 28.01 -16.40 13.71
N LEU B 167 27.97 -16.16 12.40
CA LEU B 167 27.17 -16.98 11.49
C LEU B 167 28.02 -17.89 10.63
N PHE B 168 27.45 -19.03 10.26
CA PHE B 168 28.08 -19.97 9.33
C PHE B 168 28.13 -19.36 7.95
N ASN B 169 27.05 -18.67 7.57
CA ASN B 169 26.94 -18.07 6.26
C ASN B 169 26.31 -16.69 6.37
N ALA B 170 26.73 -15.77 5.51
CA ALA B 170 26.02 -14.50 5.41
C ALA B 170 24.62 -14.87 4.91
N GLU B 171 23.61 -14.22 5.49
CA GLU B 171 22.24 -14.34 5.00
C GLU B 171 21.65 -12.94 5.02
N SER B 172 21.24 -12.47 3.85
CA SER B 172 20.77 -11.10 3.74
C SER B 172 19.49 -10.85 4.54
N SER B 173 18.86 -11.90 5.04
CA SER B 173 17.61 -11.74 5.78
C SER B 173 17.81 -11.65 7.29
N PHE B 174 19.06 -11.64 7.72
CA PHE B 174 19.37 -11.79 9.14
C PHE B 174 18.76 -10.71 10.04
N LEU B 175 19.00 -9.44 9.71
CA LEU B 175 18.46 -8.36 10.53
C LEU B 175 16.93 -8.34 10.49
N ALA B 176 16.36 -8.68 9.33
CA ALA B 176 14.91 -8.79 9.18
C ALA B 176 14.36 -9.81 10.18
N ASN B 177 15.01 -10.96 10.24
CA ASN B 177 14.61 -11.98 11.21
C ASN B 177 14.76 -11.51 12.67
N MET B 178 15.80 -10.75 12.95
CA MET B 178 16.03 -10.23 14.30
C MET B 178 15.05 -9.12 14.62
N ALA B 179 14.35 -8.64 13.60
CA ALA B 179 13.33 -7.59 13.80
C ALA B 179 11.91 -8.16 13.87
N THR B 180 11.76 -9.47 13.74
CA THR B 180 10.44 -10.08 13.85
C THR B 180 9.96 -10.04 15.29
N ASP B 181 8.65 -10.16 15.45
CA ASP B 181 8.06 -10.16 16.78
C ASP B 181 8.41 -11.41 17.57
N PHE B 182 9.01 -12.38 16.89
CA PHE B 182 9.49 -13.58 17.56
C PHE B 182 10.83 -13.36 18.23
N ALA B 183 11.53 -12.29 17.87
CA ALA B 183 12.91 -12.05 18.34
C ALA B 183 12.99 -11.15 19.57
N VAL B 184 12.06 -11.32 20.50
CA VAL B 184 12.07 -10.54 21.73
C VAL B 184 13.18 -11.04 22.63
N VAL B 185 13.54 -10.23 23.61
CA VAL B 185 14.57 -10.59 24.58
C VAL B 185 13.90 -11.06 25.87
N LEU B 186 14.37 -12.20 26.38
CA LEU B 186 13.89 -12.75 27.64
C LEU B 186 14.93 -12.58 28.73
N SER B 187 14.55 -12.92 29.96
CA SER B 187 15.33 -12.59 31.13
C SER B 187 16.12 -13.79 31.65
N LYS B 188 17.44 -13.68 31.64
CA LYS B 188 18.30 -14.78 32.08
C LYS B 188 18.18 -15.00 33.58
N GLU B 189 18.12 -13.91 34.34
CA GLU B 189 18.05 -14.03 35.79
C GLU B 189 16.74 -14.70 36.20
N TYR B 190 15.65 -14.36 35.52
CA TYR B 190 14.36 -14.99 35.78
C TYR B 190 14.43 -16.48 35.47
N ALA B 191 14.91 -16.80 34.28
CA ALA B 191 15.10 -18.18 33.88
C ALA B 191 15.92 -18.91 34.93
N MET B 192 17.04 -18.31 35.30
CA MET B 192 17.99 -18.91 36.23
C MET B 192 17.35 -19.18 37.58
N ALA B 193 16.55 -18.22 38.04
CA ALA B 193 15.87 -18.35 39.32
C ALA B 193 14.89 -19.52 39.38
N LEU B 194 14.08 -19.70 38.33
CA LEU B 194 13.17 -20.83 38.19
C LEU B 194 13.92 -22.16 38.16
N LYS B 195 15.01 -22.19 37.40
CA LYS B 195 15.80 -23.40 37.23
C LYS B 195 16.21 -23.94 38.57
N ALA B 196 16.51 -23.02 39.49
CA ALA B 196 16.96 -23.37 40.84
C ALA B 196 15.85 -24.03 41.64
N ASN B 197 14.61 -23.80 41.25
CA ASN B 197 13.48 -24.37 41.97
C ASN B 197 12.83 -25.46 41.16
N ASN B 198 13.49 -25.88 40.09
CA ASN B 198 12.91 -26.85 39.17
C ASN B 198 11.54 -26.38 38.72
N GLN B 199 11.45 -25.12 38.33
CA GLN B 199 10.19 -24.55 37.91
C GLN B 199 10.31 -23.93 36.54
N GLU B 200 11.13 -24.55 35.71
CA GLU B 200 11.37 -24.05 34.37
C GLU B 200 10.07 -23.89 33.59
N ASN B 201 9.08 -24.71 33.91
CA ASN B 201 7.83 -24.72 33.15
C ASN B 201 6.99 -23.46 33.37
N LEU B 202 7.37 -22.66 34.34
CA LEU B 202 6.64 -21.42 34.60
C LEU B 202 7.17 -20.34 33.67
N PHE B 203 8.37 -20.56 33.14
CA PHE B 203 9.11 -19.51 32.47
C PHE B 203 8.35 -18.91 31.30
N ASP B 204 7.74 -19.78 30.49
CA ASP B 204 6.99 -19.36 29.31
C ASP B 204 5.50 -19.05 29.63
N GLN B 205 5.05 -19.37 30.83
CA GLN B 205 3.65 -19.16 31.23
C GLN B 205 3.46 -17.85 32.00
N TYR B 206 4.37 -17.61 32.93
CA TYR B 206 4.36 -16.38 33.72
C TYR B 206 5.56 -15.53 33.30
N PRO B 207 5.36 -14.67 32.31
CA PRO B 207 6.48 -14.06 31.60
C PRO B 207 7.12 -12.91 32.34
N VAL B 208 8.35 -12.60 31.96
CA VAL B 208 9.06 -11.41 32.40
C VAL B 208 9.77 -10.81 31.20
N GLY B 209 9.44 -9.55 30.92
CA GLY B 209 10.03 -8.86 29.78
C GLY B 209 10.50 -7.47 30.14
N THR B 210 10.79 -6.67 29.13
CA THR B 210 11.17 -5.27 29.34
C THR B 210 10.12 -4.31 28.78
N GLY B 211 9.05 -4.87 28.20
CA GLY B 211 8.01 -4.12 27.53
C GLY B 211 7.17 -3.19 28.39
N PRO B 212 6.30 -2.41 27.73
CA PRO B 212 5.48 -1.33 28.32
C PRO B 212 4.40 -1.84 29.29
N TYR B 213 4.12 -3.14 29.27
CA TYR B 213 3.16 -3.69 30.21
C TYR B 213 3.67 -4.94 30.91
N ILE B 214 2.98 -5.29 31.98
CA ILE B 214 3.35 -6.43 32.81
C ILE B 214 2.19 -7.42 32.92
N TYR B 215 2.53 -8.71 32.96
CA TYR B 215 1.55 -9.79 33.16
C TYR B 215 0.91 -9.74 34.54
N LYS B 216 -0.42 -9.76 34.58
CA LYS B 216 -1.14 -9.79 35.85
C LYS B 216 -1.81 -11.13 36.06
N GLU B 217 -2.60 -11.55 35.08
CA GLU B 217 -3.35 -12.79 35.20
C GLU B 217 -3.81 -13.29 33.85
N TYR B 218 -3.95 -14.60 33.75
CA TYR B 218 -4.49 -15.22 32.56
C TYR B 218 -5.53 -16.26 32.93
N ARG B 219 -6.72 -16.17 32.34
CA ARG B 219 -7.75 -17.17 32.56
C ARG B 219 -8.25 -17.75 31.23
N ARG B 220 -7.70 -18.91 30.87
CA ARG B 220 -7.94 -19.54 29.57
C ARG B 220 -9.41 -19.44 29.15
N ASP B 221 -9.60 -19.10 27.88
CA ASP B 221 -10.92 -18.97 27.28
C ASP B 221 -11.71 -17.82 27.87
N HIS B 222 -11.11 -17.04 28.76
CA HIS B 222 -11.83 -15.91 29.31
C HIS B 222 -11.10 -14.60 29.06
N LEU B 223 -9.99 -14.40 29.74
CA LEU B 223 -9.28 -13.13 29.62
C LEU B 223 -7.82 -13.17 30.01
N VAL B 224 -7.07 -12.23 29.47
CA VAL B 224 -5.73 -11.97 29.99
C VAL B 224 -5.66 -10.50 30.42
N ARG B 225 -5.01 -10.28 31.56
CA ARG B 225 -4.89 -8.94 32.12
C ARG B 225 -3.42 -8.57 32.24
N PHE B 226 -3.08 -7.39 31.74
CA PHE B 226 -1.75 -6.81 31.91
C PHE B 226 -1.90 -5.49 32.63
N TYR B 227 -0.84 -4.99 33.23
CA TYR B 227 -0.85 -3.62 33.75
C TYR B 227 0.35 -2.80 33.30
N LYS B 228 0.21 -1.48 33.34
CA LYS B 228 1.30 -0.59 32.95
C LYS B 228 2.63 -1.00 33.58
N ASN B 229 3.69 -1.06 32.79
CA ASN B 229 5.05 -1.12 33.33
C ASN B 229 5.57 0.28 33.70
N ALA B 230 5.62 0.57 34.99
CA ALA B 230 5.91 1.91 35.47
C ALA B 230 7.34 2.36 35.16
N ASP B 231 8.23 1.38 34.95
CA ASP B 231 9.64 1.65 34.73
C ASP B 231 10.09 1.50 33.28
N TYR B 232 9.14 1.58 32.34
CA TYR B 232 9.48 1.31 30.96
C TYR B 232 10.51 2.29 30.43
N TRP B 233 11.53 1.75 29.80
CA TRP B 233 12.69 2.51 29.35
C TRP B 233 12.40 3.43 28.17
N LYS B 234 11.44 3.09 27.34
CA LYS B 234 11.23 3.86 26.11
C LYS B 234 10.38 5.11 26.30
N HIS B 235 9.27 5.00 27.00
CA HIS B 235 8.41 6.16 27.23
C HIS B 235 7.46 5.91 28.38
N GLU B 236 6.75 6.96 28.80
CA GLU B 236 5.81 6.81 29.90
C GLU B 236 4.57 6.12 29.37
N VAL B 237 4.30 4.93 29.90
CA VAL B 237 3.17 4.15 29.42
C VAL B 237 1.86 4.82 29.78
N ALA B 238 1.04 5.06 28.76
CA ALA B 238 -0.23 5.75 28.92
C ALA B 238 -1.29 4.94 29.65
N LEU B 239 -1.47 3.70 29.27
CA LEU B 239 -2.54 2.89 29.87
C LEU B 239 -2.11 2.22 31.17
N GLU B 240 -3.04 2.10 32.11
CA GLU B 240 -2.78 1.47 33.40
C GLU B 240 -3.06 -0.03 33.39
N GLN B 241 -4.06 -0.42 32.59
CA GLN B 241 -4.41 -1.83 32.43
C GLN B 241 -4.83 -2.15 31.00
N LEU B 242 -4.40 -3.32 30.52
CA LEU B 242 -4.85 -3.83 29.26
C LEU B 242 -5.60 -5.11 29.56
N VAL B 243 -6.78 -5.26 28.98
CA VAL B 243 -7.52 -6.51 29.12
C VAL B 243 -7.91 -7.09 27.77
N TYR B 244 -7.50 -8.33 27.52
CA TYR B 244 -7.94 -9.04 26.34
C TYR B 244 -9.11 -9.97 26.66
N ASP B 245 -10.26 -9.68 26.08
CA ASP B 245 -11.44 -10.53 26.21
C ASP B 245 -11.37 -11.60 25.12
N ILE B 246 -11.14 -12.84 25.51
CA ILE B 246 -11.00 -13.89 24.51
C ILE B 246 -12.38 -14.26 23.97
N THR B 247 -12.64 -13.84 22.73
CA THR B 247 -13.96 -13.94 22.13
C THR B 247 -13.81 -14.47 20.70
N PRO B 248 -13.75 -15.81 20.56
CA PRO B 248 -13.57 -16.45 19.26
C PRO B 248 -14.67 -16.14 18.27
N ASN B 249 -15.90 -15.96 18.75
CA ASN B 249 -17.04 -15.73 17.87
C ASN B 249 -16.98 -14.34 17.22
N GLY B 250 -16.94 -14.30 15.89
CA GLY B 250 -16.76 -13.07 15.15
C GLY B 250 -17.93 -12.11 15.30
N THR B 251 -19.14 -12.65 15.39
CA THR B 251 -20.30 -11.80 15.55
C THR B 251 -20.40 -11.28 16.99
N THR B 252 -19.95 -12.06 17.97
CA THR B 252 -19.94 -11.56 19.34
C THR B 252 -18.98 -10.40 19.51
N ARG B 253 -17.81 -10.51 18.88
CA ARG B 253 -16.82 -9.43 18.89
C ARG B 253 -17.46 -8.15 18.41
N ILE B 254 -18.08 -8.21 17.23
CA ILE B 254 -18.76 -7.03 16.68
C ILE B 254 -19.82 -6.54 17.65
N ALA B 255 -20.56 -7.46 18.24
CA ALA B 255 -21.62 -7.10 19.17
C ALA B 255 -21.02 -6.36 20.37
N LYS B 256 -19.87 -6.82 20.84
CA LYS B 256 -19.26 -6.21 22.01
C LYS B 256 -18.74 -4.81 21.76
N ILE B 257 -18.21 -4.58 20.57
CA ILE B 257 -17.77 -3.23 20.24
C ILE B 257 -18.96 -2.27 20.20
N LEU B 258 -20.05 -2.70 19.59
CA LEU B 258 -21.25 -1.87 19.48
C LEU B 258 -21.89 -1.57 20.84
N THR B 259 -21.78 -2.52 21.75
CA THR B 259 -22.30 -2.37 23.10
C THR B 259 -21.22 -1.79 24.01
N LYS B 260 -20.04 -1.53 23.43
CA LYS B 260 -18.96 -0.89 24.15
C LYS B 260 -18.44 -1.77 25.29
N GLU B 261 -18.71 -3.05 25.20
CA GLU B 261 -18.05 -3.97 26.11
C GLU B 261 -16.56 -4.00 25.76
N CYS B 262 -16.25 -3.87 24.48
CA CYS B 262 -14.88 -3.88 24.03
C CYS B 262 -14.54 -2.52 23.48
N ASP B 263 -13.29 -2.11 23.67
CA ASP B 263 -12.79 -0.84 23.14
C ASP B 263 -12.17 -1.03 21.76
N VAL B 264 -11.56 -2.20 21.57
CA VAL B 264 -10.97 -2.55 20.28
C VAL B 264 -11.37 -3.96 19.88
N THR B 265 -11.71 -4.14 18.61
CA THR B 265 -12.03 -5.47 18.11
C THR B 265 -11.08 -5.90 16.99
N ALA B 266 -10.46 -7.06 17.20
CA ALA B 266 -9.51 -7.58 16.23
C ALA B 266 -10.26 -8.18 15.07
N HIS B 267 -9.70 -8.07 13.89
CA HIS B 267 -10.19 -8.82 12.74
C HIS B 267 -11.72 -8.79 12.62
N PRO B 268 -12.31 -7.61 12.53
CA PRO B 268 -13.76 -7.51 12.37
C PRO B 268 -14.25 -8.21 11.10
N SER B 269 -15.29 -9.03 11.26
CA SER B 269 -15.88 -9.73 10.14
C SER B 269 -16.08 -8.76 8.97
N SER B 270 -15.75 -9.19 7.76
CA SER B 270 -15.82 -8.31 6.60
C SER B 270 -17.24 -7.92 6.27
N ALA B 271 -18.19 -8.75 6.71
CA ALA B 271 -19.59 -8.51 6.44
C ALA B 271 -20.12 -7.30 7.20
N GLN B 272 -19.55 -7.03 8.37
CA GLN B 272 -20.06 -5.98 9.24
C GLN B 272 -19.27 -4.66 9.20
N LEU B 273 -18.32 -4.56 8.27
CA LEU B 273 -17.47 -3.37 8.20
C LEU B 273 -18.23 -2.10 7.87
N SER B 274 -19.23 -2.20 7.00
CA SER B 274 -20.01 -1.06 6.58
C SER B 274 -21.02 -0.69 7.66
N ILE B 275 -21.39 -1.68 8.46
CA ILE B 275 -22.19 -1.46 9.66
C ILE B 275 -21.42 -0.61 10.64
N LEU B 276 -20.14 -0.94 10.85
CA LEU B 276 -19.29 -0.24 11.79
C LEU B 276 -18.90 1.15 11.30
N ALA B 277 -18.67 1.26 9.99
CA ALA B 277 -18.29 2.52 9.37
C ALA B 277 -19.39 3.58 9.49
N GLN B 278 -20.60 3.12 9.80
CA GLN B 278 -21.77 3.99 9.94
C GLN B 278 -21.94 4.56 11.34
N ARG B 279 -21.36 3.90 12.33
CA ARG B 279 -21.42 4.40 13.69
C ARG B 279 -20.38 5.49 13.93
N ASP B 280 -20.84 6.63 14.44
CA ASP B 280 -19.98 7.79 14.61
C ASP B 280 -18.90 7.57 15.66
N ASP B 281 -19.25 6.94 16.77
CA ASP B 281 -18.29 6.70 17.85
C ASP B 281 -17.36 5.51 17.60
N ILE B 282 -17.35 5.00 16.37
CA ILE B 282 -16.49 3.88 16.02
C ILE B 282 -15.53 4.22 14.88
N ASN B 283 -14.30 3.73 15.00
CA ASN B 283 -13.27 3.92 14.00
C ASN B 283 -12.87 2.61 13.32
N VAL B 284 -12.87 2.63 11.99
CA VAL B 284 -12.44 1.48 11.22
C VAL B 284 -11.24 1.87 10.38
N GLU B 285 -10.07 1.31 10.71
CA GLU B 285 -8.90 1.54 9.89
C GLU B 285 -8.75 0.41 8.91
N ARG B 286 -8.52 0.75 7.65
CA ARG B 286 -8.27 -0.22 6.60
C ARG B 286 -6.90 0.12 6.02
N GLU B 287 -5.98 -0.84 6.00
CA GLU B 287 -4.64 -0.54 5.50
C GLU B 287 -4.06 -1.70 4.73
N THR B 288 -3.31 -1.37 3.69
CA THR B 288 -2.67 -2.35 2.83
C THR B 288 -1.64 -3.10 3.66
N ASN B 289 -1.45 -4.38 3.37
CA ASN B 289 -0.67 -5.22 4.24
C ASN B 289 -0.09 -6.38 3.46
N LEU B 290 1.13 -6.77 3.80
CA LEU B 290 1.79 -7.87 3.12
C LEU B 290 1.29 -9.19 3.68
N ASN B 291 0.39 -9.83 2.94
CA ASN B 291 -0.08 -11.16 3.29
C ASN B 291 -0.52 -11.92 2.05
N ILE B 292 -0.78 -13.22 2.22
CA ILE B 292 -1.35 -14.03 1.15
C ILE B 292 -2.28 -15.08 1.74
N GLY B 293 -3.42 -15.29 1.09
CA GLY B 293 -4.33 -16.36 1.46
C GLY B 293 -4.26 -17.40 0.35
N TYR B 294 -4.27 -18.68 0.71
CA TYR B 294 -4.06 -19.74 -0.27
C TYR B 294 -4.83 -21.01 0.08
N TRP B 295 -4.85 -21.93 -0.87
CA TRP B 295 -5.39 -23.27 -0.70
C TRP B 295 -4.22 -24.21 -0.91
N ALA B 296 -3.72 -24.79 0.17
CA ALA B 296 -2.59 -25.68 0.10
C ALA B 296 -3.06 -27.13 0.03
N PHE B 297 -2.35 -27.93 -0.77
CA PHE B 297 -2.59 -29.37 -0.82
C PHE B 297 -1.54 -30.09 -0.01
N ASN B 298 -1.95 -31.08 0.76
CA ASN B 298 -1.00 -32.02 1.33
C ASN B 298 -0.39 -32.81 0.20
N THR B 299 0.79 -32.39 -0.23
CA THR B 299 1.45 -32.98 -1.39
C THR B 299 2.03 -34.37 -1.11
N GLU B 300 1.95 -34.82 0.13
CA GLU B 300 2.39 -36.16 0.47
C GLU B 300 1.24 -37.16 0.51
N ARG B 301 0.05 -36.73 0.10
CA ARG B 301 -1.10 -37.62 0.20
C ARG B 301 -1.86 -37.78 -1.12
N PRO B 302 -1.99 -39.03 -1.57
CA PRO B 302 -2.67 -39.32 -2.84
C PRO B 302 -4.16 -39.01 -2.73
N PRO B 303 -4.77 -38.47 -3.80
CA PRO B 303 -4.18 -38.22 -5.11
C PRO B 303 -3.49 -36.86 -5.22
N PHE B 304 -3.26 -36.18 -4.11
CA PHE B 304 -2.79 -34.81 -4.17
C PHE B 304 -1.28 -34.71 -4.29
N ASP B 305 -0.64 -35.86 -4.25
CA ASP B 305 0.79 -35.94 -4.52
C ASP B 305 0.99 -35.78 -6.02
N ASN B 306 -0.11 -35.88 -6.75
CA ASN B 306 -0.07 -35.88 -8.20
C ASN B 306 -0.31 -34.49 -8.77
N LEU B 307 0.69 -33.94 -9.43
CA LEU B 307 0.59 -32.58 -9.94
C LEU B 307 -0.63 -32.42 -10.82
N LYS B 308 -0.85 -33.38 -11.72
CA LYS B 308 -2.00 -33.33 -12.62
C LYS B 308 -3.31 -33.17 -11.88
N VAL B 309 -3.45 -33.85 -10.74
CA VAL B 309 -4.66 -33.74 -9.94
C VAL B 309 -4.78 -32.33 -9.40
N ARG B 310 -3.67 -31.79 -8.91
CA ARG B 310 -3.69 -30.45 -8.35
C ARG B 310 -4.04 -29.43 -9.44
N GLN B 311 -3.45 -29.59 -10.62
CA GLN B 311 -3.71 -28.66 -11.74
C GLN B 311 -5.19 -28.67 -12.06
N ALA B 312 -5.79 -29.86 -12.10
CA ALA B 312 -7.20 -29.97 -12.45
C ALA B 312 -8.08 -29.27 -11.41
N LEU B 313 -7.82 -29.53 -10.14
CA LEU B 313 -8.67 -29.01 -9.06
C LEU B 313 -8.71 -27.49 -8.95
N VAL B 314 -7.57 -26.85 -9.22
N VAL B 314 -7.57 -26.83 -9.19
CA VAL B 314 -7.48 -25.40 -9.15
CA VAL B 314 -7.52 -25.38 -9.11
C VAL B 314 -8.41 -24.73 -10.17
C VAL B 314 -8.39 -24.70 -10.18
N HIS B 315 -8.47 -25.30 -11.37
CA HIS B 315 -9.29 -24.77 -12.46
C HIS B 315 -10.79 -24.77 -12.13
N ALA B 316 -11.18 -25.57 -11.13
CA ALA B 316 -12.59 -25.72 -10.81
C ALA B 316 -13.11 -24.62 -9.90
N ILE B 317 -12.21 -23.81 -9.35
CA ILE B 317 -12.61 -22.83 -8.35
C ILE B 317 -12.92 -21.47 -8.94
N ASP B 318 -14.10 -20.95 -8.59
CA ASP B 318 -14.52 -19.64 -9.08
C ASP B 318 -13.96 -18.58 -8.16
N ILE B 319 -12.82 -18.02 -8.55
CA ILE B 319 -12.13 -17.03 -7.73
C ILE B 319 -12.93 -15.74 -7.64
N GLU B 320 -13.56 -15.34 -8.75
CA GLU B 320 -14.34 -14.11 -8.73
C GLU B 320 -15.45 -14.16 -7.70
N LYS B 321 -16.13 -15.29 -7.62
CA LYS B 321 -17.20 -15.45 -6.63
C LYS B 321 -16.63 -15.31 -5.22
N ILE B 322 -15.49 -15.97 -4.96
CA ILE B 322 -14.80 -15.81 -3.69
C ILE B 322 -14.49 -14.35 -3.38
N MET B 323 -13.97 -13.63 -4.37
CA MET B 323 -13.57 -12.24 -4.11
C MET B 323 -14.76 -11.41 -3.63
N GLN B 324 -15.94 -11.73 -4.15
CA GLN B 324 -17.16 -10.97 -3.86
C GLN B 324 -17.87 -11.47 -2.60
N ALA B 325 -17.98 -12.79 -2.46
CA ALA B 325 -18.75 -13.39 -1.37
C ALA B 325 -18.01 -13.44 -0.05
N VAL B 326 -16.69 -13.57 -0.12
CA VAL B 326 -15.87 -13.69 1.09
C VAL B 326 -15.17 -12.38 1.44
N TYR B 327 -14.55 -11.74 0.45
CA TYR B 327 -13.77 -10.54 0.74
C TYR B 327 -14.63 -9.28 0.70
N TYR B 328 -15.81 -9.39 0.11
CA TYR B 328 -16.72 -8.26 0.06
C TYR B 328 -16.15 -7.12 -0.75
N GLY B 329 -15.49 -7.46 -1.85
CA GLY B 329 -14.87 -6.47 -2.73
C GLY B 329 -13.63 -5.82 -2.14
N ASN B 330 -13.30 -6.19 -0.91
CA ASN B 330 -12.16 -5.61 -0.20
C ASN B 330 -10.83 -6.30 -0.50
N GLY B 331 -10.90 -7.45 -1.13
CA GLY B 331 -9.71 -8.25 -1.37
C GLY B 331 -9.03 -7.92 -2.69
N LEU B 332 -7.86 -8.52 -2.87
CA LEU B 332 -7.03 -8.29 -4.03
C LEU B 332 -6.73 -9.65 -4.58
N ARG B 333 -7.14 -9.91 -5.81
CA ARG B 333 -6.89 -11.21 -6.42
C ARG B 333 -5.42 -11.35 -6.61
N ALA B 334 -4.90 -12.48 -6.15
CA ALA B 334 -3.48 -12.76 -6.22
C ALA B 334 -3.04 -13.03 -7.65
N ARG B 335 -1.87 -12.51 -8.01
CA ARG B 335 -1.22 -12.85 -9.28
C ARG B 335 0.07 -13.62 -9.01
N SER B 336 0.33 -13.89 -7.74
CA SER B 336 1.53 -14.59 -7.30
C SER B 336 1.33 -14.88 -5.82
N ILE B 337 2.20 -15.68 -5.25
CA ILE B 337 2.19 -15.81 -3.81
C ILE B 337 2.43 -14.43 -3.17
N LEU B 338 3.25 -13.61 -3.82
CA LEU B 338 3.56 -12.28 -3.31
C LEU B 338 2.56 -11.21 -3.76
N PRO B 339 2.20 -10.33 -2.82
CA PRO B 339 1.36 -9.16 -3.09
C PRO B 339 2.14 -8.11 -3.88
N PRO B 340 1.43 -7.26 -4.63
CA PRO B 340 2.09 -6.29 -5.52
C PRO B 340 2.87 -5.19 -4.80
N THR B 341 2.79 -5.08 -3.48
CA THR B 341 3.63 -4.11 -2.78
C THR B 341 4.92 -4.73 -2.24
N SER B 342 5.13 -6.02 -2.53
CA SER B 342 6.41 -6.64 -2.24
C SER B 342 7.39 -6.27 -3.35
N TRP B 343 8.63 -5.92 -2.98
CA TRP B 343 9.61 -5.58 -4.01
C TRP B 343 10.06 -6.78 -4.84
N ALA B 344 9.77 -7.99 -4.38
CA ALA B 344 10.09 -9.18 -5.17
C ALA B 344 8.96 -9.68 -6.08
N PHE B 345 7.79 -9.05 -5.98
CA PHE B 345 6.59 -9.47 -6.71
C PHE B 345 6.82 -9.62 -8.21
N GLU B 346 6.35 -10.74 -8.75
CA GLU B 346 6.35 -10.96 -10.17
C GLU B 346 5.04 -11.65 -10.50
N PRO B 347 4.14 -10.95 -11.21
CA PRO B 347 2.90 -11.61 -11.63
C PRO B 347 3.21 -12.83 -12.49
N GLN B 348 2.44 -13.89 -12.31
CA GLN B 348 2.73 -15.15 -12.97
C GLN B 348 1.82 -15.40 -14.18
N LYS B 349 2.44 -15.61 -15.33
CA LYS B 349 1.74 -15.88 -16.58
C LYS B 349 0.84 -17.13 -16.54
N ASN B 350 1.24 -18.14 -15.80
CA ASN B 350 0.50 -19.40 -15.80
C ASN B 350 -0.41 -19.64 -14.58
N MET B 351 -0.87 -18.56 -13.96
CA MET B 351 -1.91 -18.68 -12.96
C MET B 351 -3.09 -19.32 -13.66
N PRO B 352 -3.68 -20.35 -13.04
CA PRO B 352 -4.76 -21.14 -13.63
C PRO B 352 -6.03 -20.33 -13.78
N ILE B 353 -6.71 -20.51 -14.91
CA ILE B 353 -7.99 -19.87 -15.13
C ILE B 353 -9.16 -20.73 -14.65
N PHE B 354 -10.24 -20.07 -14.22
CA PHE B 354 -11.46 -20.76 -13.83
C PHE B 354 -12.18 -21.29 -15.07
N ASP B 355 -12.32 -22.61 -15.14
CA ASP B 355 -12.84 -23.30 -16.32
C ASP B 355 -13.19 -24.73 -15.92
N PRO B 356 -14.43 -24.93 -15.50
CA PRO B 356 -14.91 -26.23 -14.98
C PRO B 356 -14.74 -27.33 -16.02
N GLN B 357 -14.89 -26.96 -17.28
CA GLN B 357 -14.82 -27.90 -18.38
C GLN B 357 -13.44 -28.55 -18.47
N LEU B 358 -12.42 -27.71 -18.34
CA LEU B 358 -11.02 -28.14 -18.37
C LEU B 358 -10.66 -28.95 -17.14
N ALA B 359 -11.12 -28.49 -15.98
CA ALA B 359 -10.86 -29.22 -14.75
C ALA B 359 -11.31 -30.66 -14.89
N LYS B 360 -12.51 -30.84 -15.40
CA LYS B 360 -13.08 -32.18 -15.54
C LYS B 360 -12.27 -33.05 -16.48
N LYS B 361 -11.82 -32.44 -17.57
CA LYS B 361 -11.04 -33.13 -18.60
C LYS B 361 -9.67 -33.54 -18.09
N LEU B 362 -9.01 -32.61 -17.43
CA LEU B 362 -7.71 -32.89 -16.83
C LEU B 362 -7.86 -33.92 -15.73
N LEU B 363 -8.92 -33.81 -14.95
CA LEU B 363 -9.15 -34.77 -13.87
C LEU B 363 -9.22 -36.19 -14.40
N THR B 364 -9.94 -36.35 -15.51
CA THR B 364 -10.16 -37.64 -16.13
C THR B 364 -8.88 -38.11 -16.80
N GLU B 365 -8.16 -37.20 -17.42
CA GLU B 365 -6.86 -37.55 -17.97
C GLU B 365 -5.90 -37.97 -16.89
N ALA B 366 -6.09 -37.45 -15.68
CA ALA B 366 -5.21 -37.80 -14.58
C ALA B 366 -5.59 -39.17 -14.04
N GLY B 367 -6.73 -39.69 -14.45
CA GLY B 367 -7.12 -41.04 -14.08
C GLY B 367 -8.22 -41.09 -13.04
N TYR B 368 -8.90 -39.96 -12.85
CA TYR B 368 -9.96 -39.87 -11.84
C TYR B 368 -11.26 -39.36 -12.46
N GLU B 369 -11.63 -39.99 -13.57
CA GLU B 369 -12.81 -39.65 -14.33
C GLU B 369 -14.04 -39.37 -13.48
N LYS B 370 -14.24 -40.17 -12.43
CA LYS B 370 -15.44 -40.06 -11.62
C LYS B 370 -15.20 -39.35 -10.30
N GLY B 371 -14.04 -38.72 -10.16
CA GLY B 371 -13.77 -37.90 -8.99
C GLY B 371 -13.53 -38.69 -7.72
N PHE B 372 -13.66 -38.02 -6.59
CA PHE B 372 -13.35 -38.60 -5.28
C PHE B 372 -13.78 -37.67 -4.16
N ASP B 373 -13.63 -38.17 -2.93
CA ASP B 373 -13.78 -37.38 -1.72
C ASP B 373 -12.46 -36.74 -1.31
N MET B 374 -12.54 -35.58 -0.70
CA MET B 374 -11.39 -34.92 -0.12
C MET B 374 -11.87 -33.98 0.97
N SER B 375 -10.96 -33.60 1.86
CA SER B 375 -11.28 -32.62 2.88
C SER B 375 -10.67 -31.27 2.53
N ILE B 376 -11.42 -30.22 2.82
CA ILE B 376 -10.84 -28.89 2.87
C ILE B 376 -10.93 -28.44 4.30
N TRP B 377 -9.78 -28.20 4.91
CA TRP B 377 -9.77 -27.64 6.24
C TRP B 377 -9.96 -26.13 6.19
N ALA B 378 -10.89 -25.61 6.98
CA ALA B 378 -11.18 -24.18 6.98
C ALA B 378 -10.96 -23.55 8.37
N MET B 379 -10.22 -22.45 8.40
CA MET B 379 -9.96 -21.74 9.65
C MET B 379 -11.28 -21.27 10.24
N PRO B 380 -11.39 -21.27 11.58
CA PRO B 380 -12.65 -20.91 12.22
C PRO B 380 -12.72 -19.43 12.56
N VAL B 381 -11.64 -18.69 12.34
CA VAL B 381 -11.62 -17.26 12.62
C VAL B 381 -11.17 -16.45 11.39
N SER B 382 -11.58 -15.19 11.36
CA SER B 382 -11.14 -14.24 10.36
C SER B 382 -9.63 -13.97 10.48
N ARG B 383 -8.91 -13.98 9.35
CA ARG B 383 -7.50 -13.56 9.31
C ARG B 383 -7.37 -12.45 8.26
N ILE B 384 -6.30 -11.68 8.33
CA ILE B 384 -6.11 -10.60 7.37
C ILE B 384 -6.27 -11.17 5.97
N TYR B 385 -5.68 -12.33 5.76
CA TYR B 385 -5.59 -12.90 4.42
C TYR B 385 -6.83 -13.70 4.00
N ASN B 386 -7.79 -13.86 4.91
CA ASN B 386 -9.03 -14.59 4.62
C ASN B 386 -10.04 -14.36 5.73
N PRO B 387 -11.04 -13.50 5.47
CA PRO B 387 -12.00 -13.13 6.51
C PRO B 387 -13.01 -14.22 6.88
N ASN B 388 -13.18 -15.21 6.02
CA ASN B 388 -14.12 -16.28 6.27
C ASN B 388 -13.80 -17.54 5.47
N ALA B 389 -12.97 -18.40 6.04
CA ALA B 389 -12.53 -19.60 5.35
C ALA B 389 -13.69 -20.59 5.21
N ARG B 390 -14.58 -20.57 6.20
CA ARG B 390 -15.74 -21.45 6.17
C ARG B 390 -16.62 -21.14 4.96
N LYS B 391 -16.98 -19.88 4.80
CA LYS B 391 -17.74 -19.45 3.63
C LYS B 391 -16.97 -19.84 2.37
N MET B 392 -15.67 -19.52 2.35
CA MET B 392 -14.84 -19.87 1.20
C MET B 392 -14.91 -21.35 0.84
N ALA B 393 -14.75 -22.20 1.85
CA ALA B 393 -14.70 -23.64 1.67
C ALA B 393 -16.06 -24.18 1.20
N GLU B 394 -17.13 -23.48 1.58
CA GLU B 394 -18.47 -23.85 1.13
C GLU B 394 -18.62 -23.56 -0.35
N LEU B 395 -18.14 -22.40 -0.78
CA LEU B 395 -18.14 -22.05 -2.19
C LEU B 395 -17.28 -23.02 -3.01
N MET B 396 -16.12 -23.38 -2.48
CA MET B 396 -15.26 -24.35 -3.13
C MET B 396 -15.93 -25.73 -3.19
N GLN B 397 -16.73 -26.01 -2.16
CA GLN B 397 -17.46 -27.27 -2.07
C GLN B 397 -18.40 -27.37 -3.25
N SER B 398 -19.18 -26.32 -3.46
N SER B 398 -19.16 -26.31 -3.49
CA SER B 398 -20.09 -26.24 -4.59
CA SER B 398 -20.10 -26.30 -4.60
C SER B 398 -19.35 -26.38 -5.92
C SER B 398 -19.40 -26.30 -5.96
N ASP B 399 -18.26 -25.64 -6.06
CA ASP B 399 -17.45 -25.66 -7.29
C ASP B 399 -17.00 -27.07 -7.63
N LEU B 400 -16.44 -27.76 -6.64
CA LEU B 400 -15.81 -29.05 -6.85
C LEU B 400 -16.83 -30.15 -7.14
N ARG B 401 -17.99 -30.05 -6.49
CA ARG B 401 -19.04 -31.02 -6.75
C ARG B 401 -19.34 -31.12 -8.25
N LYS B 402 -19.24 -30.00 -8.95
CA LYS B 402 -19.60 -29.98 -10.36
C LYS B 402 -18.62 -30.75 -11.21
N ILE B 403 -17.42 -31.02 -10.68
CA ILE B 403 -16.49 -31.87 -11.41
C ILE B 403 -16.33 -33.20 -10.71
N GLY B 404 -17.27 -33.49 -9.81
CA GLY B 404 -17.37 -34.80 -9.19
C GLY B 404 -16.46 -34.97 -7.99
N VAL B 405 -16.00 -33.85 -7.44
CA VAL B 405 -15.17 -33.90 -6.24
C VAL B 405 -16.00 -33.55 -5.01
N ASN B 406 -16.15 -34.53 -4.12
CA ASN B 406 -17.05 -34.45 -2.96
C ASN B 406 -16.32 -34.00 -1.70
N VAL B 407 -16.56 -32.74 -1.33
CA VAL B 407 -15.78 -32.07 -0.31
C VAL B 407 -16.45 -32.15 1.05
N ASN B 408 -15.70 -32.51 2.08
CA ASN B 408 -16.15 -32.32 3.44
C ASN B 408 -15.23 -31.33 4.15
N ILE B 409 -15.83 -30.35 4.80
CA ILE B 409 -15.10 -29.26 5.42
C ILE B 409 -14.75 -29.65 6.85
N VAL B 410 -13.46 -29.52 7.20
CA VAL B 410 -13.02 -29.79 8.55
C VAL B 410 -12.62 -28.48 9.23
N GLU B 411 -13.07 -28.28 10.46
CA GLU B 411 -12.88 -27.01 11.13
C GLU B 411 -12.80 -27.25 12.64
N TYR B 412 -11.80 -26.66 13.28
CA TYR B 412 -11.64 -26.80 14.73
C TYR B 412 -11.33 -25.44 15.35
N GLU B 413 -11.36 -25.38 16.67
CA GLU B 413 -10.85 -24.23 17.42
C GLU B 413 -9.47 -23.81 16.94
N TRP B 414 -9.26 -22.50 16.78
CA TRP B 414 -8.16 -21.97 16.01
C TRP B 414 -6.83 -22.62 16.35
N ASN B 415 -6.48 -22.61 17.64
CA ASN B 415 -5.21 -23.19 18.07
C ASN B 415 -5.13 -24.68 17.77
N THR B 416 -6.18 -25.41 18.14
CA THR B 416 -6.26 -26.84 17.81
C THR B 416 -6.10 -27.08 16.30
N PHE B 417 -6.79 -26.26 15.50
CA PHE B 417 -6.70 -26.31 14.05
C PHE B 417 -5.24 -26.22 13.58
N ILE B 418 -4.52 -25.23 14.10
CA ILE B 418 -3.14 -25.00 13.69
C ILE B 418 -2.25 -26.21 13.99
N GLN B 419 -2.36 -26.73 15.21
CA GLN B 419 -1.58 -27.90 15.62
C GLN B 419 -1.84 -29.10 14.71
N ARG B 420 -3.10 -29.37 14.43
CA ARG B 420 -3.45 -30.53 13.61
C ARG B 420 -3.05 -30.39 12.15
N ILE B 421 -3.06 -29.16 11.63
CA ILE B 421 -2.50 -28.92 10.32
C ILE B 421 -1.00 -29.20 10.38
N GLY B 422 -0.40 -28.92 11.53
CA GLY B 422 1.02 -29.15 11.71
C GLY B 422 1.36 -30.63 11.68
N GLU B 423 0.38 -31.47 12.03
CA GLU B 423 0.55 -32.92 11.99
C GLU B 423 0.15 -33.46 10.62
N HIS B 424 -0.14 -32.55 9.70
CA HIS B 424 -0.49 -32.89 8.32
C HIS B 424 -1.64 -33.87 8.21
N ARG B 425 -2.74 -33.56 8.90
CA ARG B 425 -3.91 -34.43 8.95
C ARG B 425 -4.85 -34.13 7.78
N HIS B 426 -4.59 -33.03 7.08
CA HIS B 426 -5.50 -32.55 6.05
C HIS B 426 -5.21 -33.12 4.66
N ASP B 427 -6.25 -33.21 3.82
CA ASP B 427 -6.06 -33.44 2.39
C ASP B 427 -5.59 -32.11 1.81
N SER B 428 -6.16 -31.02 2.34
CA SER B 428 -5.90 -29.67 1.87
C SER B 428 -6.42 -28.69 2.89
N VAL B 429 -5.95 -27.46 2.80
CA VAL B 429 -6.25 -26.48 3.83
C VAL B 429 -6.34 -25.08 3.23
N LEU B 430 -7.24 -24.28 3.77
CA LEU B 430 -7.31 -22.87 3.42
C LEU B 430 -6.60 -22.15 4.54
N LEU B 431 -5.42 -21.63 4.25
CA LEU B 431 -4.64 -20.93 5.27
C LEU B 431 -3.99 -19.72 4.61
N GLY B 432 -2.90 -19.23 5.17
CA GLY B 432 -2.27 -18.07 4.59
C GLY B 432 -1.10 -17.62 5.40
N TRP B 433 -0.68 -16.37 5.18
CA TRP B 433 0.47 -15.85 5.86
C TRP B 433 0.41 -14.34 5.88
N ALA B 434 0.51 -13.78 7.07
CA ALA B 434 0.61 -12.34 7.24
C ALA B 434 2.07 -12.04 7.57
N ALA B 435 2.73 -11.38 6.64
CA ALA B 435 4.16 -11.26 6.68
C ALA B 435 4.63 -10.56 7.94
N ASP B 436 5.72 -11.06 8.51
CA ASP B 436 6.28 -10.52 9.73
C ASP B 436 7.24 -9.38 9.46
N THR B 437 7.80 -9.35 8.25
CA THR B 437 8.74 -8.31 7.82
C THR B 437 8.45 -7.98 6.37
N PRO B 438 9.08 -6.93 5.82
CA PRO B 438 8.95 -6.69 4.37
C PRO B 438 10.07 -7.36 3.55
N ASP B 439 10.86 -8.25 4.17
CA ASP B 439 11.86 -8.99 3.43
C ASP B 439 11.18 -10.19 2.75
N PRO B 440 11.25 -10.24 1.40
CA PRO B 440 10.54 -11.26 0.62
C PRO B 440 10.76 -12.67 1.11
N ASP B 441 11.94 -12.94 1.68
CA ASP B 441 12.22 -14.27 2.20
C ASP B 441 11.14 -14.71 3.17
N ASN B 442 10.54 -13.76 3.86
CA ASN B 442 9.53 -14.05 4.88
C ASN B 442 8.31 -14.81 4.34
N PHE B 443 8.09 -14.72 3.03
CA PHE B 443 6.98 -15.41 2.35
C PHE B 443 7.34 -16.81 1.90
N PHE B 444 8.62 -17.15 1.98
CA PHE B 444 9.13 -18.39 1.41
C PHE B 444 9.73 -19.34 2.45
N SER B 445 10.77 -18.90 3.14
CA SER B 445 11.46 -19.77 4.08
C SER B 445 10.58 -20.26 5.22
N PRO B 446 9.77 -19.38 5.83
CA PRO B 446 8.94 -19.85 6.95
C PRO B 446 7.74 -20.68 6.51
N LEU B 447 7.56 -20.84 5.21
CA LEU B 447 6.32 -21.35 4.63
C LEU B 447 6.48 -22.64 3.84
N LEU B 448 7.37 -22.61 2.85
CA LEU B 448 7.40 -23.67 1.84
C LEU B 448 8.74 -24.39 1.76
N SER B 449 9.66 -24.05 2.66
CA SER B 449 11.02 -24.62 2.63
C SER B 449 11.05 -26.03 3.24
N CYS B 450 12.13 -26.76 3.00
CA CYS B 450 12.25 -28.08 3.60
C CYS B 450 12.32 -28.00 5.12
N THR B 451 13.10 -27.07 5.65
CA THR B 451 13.13 -26.86 7.10
C THR B 451 11.76 -26.51 7.67
N ALA B 452 10.98 -25.71 6.94
CA ALA B 452 9.61 -25.38 7.37
C ALA B 452 8.74 -26.64 7.42
N THR B 453 8.92 -27.54 6.46
CA THR B 453 8.20 -28.80 6.50
C THR B 453 8.65 -29.63 7.70
N PHE B 454 9.97 -29.80 7.85
CA PHE B 454 10.55 -30.55 8.98
C PHE B 454 10.21 -29.98 10.34
N SER B 455 9.76 -28.73 10.38
CA SER B 455 9.39 -28.08 11.62
C SER B 455 7.87 -28.13 11.79
N GLY B 456 7.19 -28.64 10.77
CA GLY B 456 5.76 -28.83 10.81
C GLY B 456 4.93 -27.60 10.52
N LYS B 457 5.54 -26.58 9.91
CA LYS B 457 4.82 -25.34 9.62
C LYS B 457 4.55 -25.11 8.14
N ASN B 458 4.76 -26.15 7.33
CA ASN B 458 4.50 -26.09 5.90
C ASN B 458 3.19 -26.79 5.57
N PRO B 459 2.18 -26.02 5.18
CA PRO B 459 0.80 -26.48 4.97
C PRO B 459 0.71 -27.42 3.80
N ALA B 460 1.73 -27.40 2.95
CA ALA B 460 1.73 -28.18 1.72
C ALA B 460 2.47 -29.49 1.95
N ASN B 461 3.15 -29.60 3.09
CA ASN B 461 3.94 -30.80 3.34
C ASN B 461 4.82 -31.05 2.12
N TRP B 462 5.51 -30.01 1.67
CA TRP B 462 6.19 -29.96 0.39
C TRP B 462 7.66 -29.64 0.56
N CYS B 463 8.52 -30.66 0.47
CA CYS B 463 9.95 -30.43 0.50
C CYS B 463 10.48 -30.49 -0.93
N ASN B 464 11.03 -29.39 -1.40
CA ASN B 464 11.60 -29.33 -2.72
C ASN B 464 12.94 -28.61 -2.68
N PRO B 465 14.03 -29.38 -2.66
CA PRO B 465 15.40 -28.85 -2.52
C PRO B 465 15.77 -27.85 -3.63
N GLU B 466 15.21 -28.08 -4.82
CA GLU B 466 15.46 -27.20 -5.94
C GLU B 466 14.92 -25.80 -5.63
N PHE B 467 13.72 -25.75 -5.06
CA PHE B 467 13.11 -24.50 -4.60
C PHE B 467 13.93 -23.88 -3.47
N ASP B 468 14.30 -24.71 -2.50
CA ASP B 468 15.09 -24.25 -1.37
C ASP B 468 16.37 -23.60 -1.84
N LEU B 469 16.93 -24.16 -2.91
CA LEU B 469 18.19 -23.64 -3.43
C LEU B 469 18.01 -22.19 -3.88
N LEU B 470 16.86 -21.90 -4.49
CA LEU B 470 16.56 -20.55 -4.93
C LEU B 470 16.56 -19.59 -3.74
N LEU B 471 15.98 -20.03 -2.62
CA LEU B 471 15.89 -19.24 -1.40
C LEU B 471 17.26 -18.96 -0.83
N THR B 472 18.11 -19.99 -0.83
CA THR B 472 19.45 -19.85 -0.33
C THR B 472 20.24 -18.85 -1.14
N LYS B 473 20.17 -18.93 -2.46
CA LYS B 473 20.88 -18.00 -3.32
C LYS B 473 20.37 -16.56 -3.19
N ALA B 474 19.07 -16.39 -2.93
CA ALA B 474 18.55 -15.06 -2.64
C ALA B 474 19.09 -14.54 -1.31
N LEU B 475 19.57 -15.43 -0.44
CA LEU B 475 20.08 -15.01 0.86
C LEU B 475 21.58 -14.77 0.85
N ASP B 476 22.24 -15.33 -0.17
CA ASP B 476 23.69 -15.23 -0.31
C ASP B 476 24.11 -13.83 -0.73
N THR B 477 23.21 -13.13 -1.40
CA THR B 477 23.45 -11.78 -1.92
C THR B 477 22.54 -10.75 -1.27
N THR B 478 23.04 -9.53 -1.13
CA THR B 478 22.24 -8.44 -0.56
C THR B 478 21.69 -7.53 -1.66
N ASP B 479 22.13 -7.76 -2.89
CA ASP B 479 21.69 -7.00 -4.05
C ASP B 479 20.23 -7.31 -4.36
N LEU B 480 19.37 -6.30 -4.19
CA LEU B 480 17.94 -6.47 -4.43
C LEU B 480 17.64 -7.03 -5.82
N ASN B 481 18.29 -6.46 -6.83
CA ASN B 481 18.09 -6.92 -8.20
C ASN B 481 18.39 -8.41 -8.32
N LEU B 482 19.46 -8.87 -7.69
CA LEU B 482 19.84 -10.27 -7.80
C LEU B 482 18.92 -11.16 -6.97
N ARG B 483 18.56 -10.67 -5.79
CA ARG B 483 17.60 -11.35 -4.94
C ARG B 483 16.27 -11.56 -5.67
N LYS B 484 15.80 -10.51 -6.34
CA LYS B 484 14.50 -10.57 -7.01
C LYS B 484 14.51 -11.59 -8.14
N GLN B 485 15.67 -11.80 -8.75
CA GLN B 485 15.76 -12.79 -9.81
C GLN B 485 15.51 -14.19 -9.29
N TYR B 486 16.05 -14.50 -8.13
CA TYR B 486 15.80 -15.81 -7.55
C TYR B 486 14.35 -15.91 -7.10
N TYR B 487 13.86 -14.85 -6.47
CA TYR B 487 12.47 -14.83 -6.02
C TYR B 487 11.49 -14.95 -7.19
N ASP B 488 11.86 -14.43 -8.35
CA ASP B 488 11.03 -14.56 -9.54
C ASP B 488 10.94 -16.05 -9.87
N ALA B 489 12.08 -16.73 -9.80
CA ALA B 489 12.13 -18.18 -10.05
C ALA B 489 11.29 -18.97 -9.04
N ALA B 490 11.38 -18.60 -7.77
CA ALA B 490 10.61 -19.25 -6.72
C ALA B 490 9.10 -19.10 -6.93
N GLN B 491 8.68 -17.90 -7.34
CA GLN B 491 7.27 -17.63 -7.57
C GLN B 491 6.74 -18.47 -8.73
N SER B 492 7.54 -18.61 -9.78
CA SER B 492 7.12 -19.39 -10.93
C SER B 492 7.03 -20.88 -10.60
N MET B 493 7.93 -21.36 -9.74
CA MET B 493 7.94 -22.78 -9.40
C MET B 493 6.70 -23.12 -8.61
N ILE B 494 6.31 -22.23 -7.72
CA ILE B 494 5.11 -22.44 -6.94
C ILE B 494 3.87 -22.60 -7.82
N ILE B 495 3.77 -21.79 -8.86
CA ILE B 495 2.59 -21.82 -9.73
C ILE B 495 2.67 -23.02 -10.62
N GLU B 496 3.90 -23.38 -10.98
N GLU B 496 3.89 -23.41 -10.98
CA GLU B 496 4.14 -24.53 -11.84
CA GLU B 496 4.04 -24.55 -11.87
C GLU B 496 3.84 -25.84 -11.12
C GLU B 496 3.95 -25.89 -11.15
N GLN B 497 4.20 -25.90 -9.83
CA GLN B 497 4.07 -27.14 -9.05
C GLN B 497 2.85 -27.15 -8.11
N LEU B 498 2.23 -26.00 -7.95
CA LEU B 498 1.02 -25.90 -7.15
C LEU B 498 1.09 -26.68 -5.84
N PRO B 499 2.15 -26.48 -5.04
CA PRO B 499 2.04 -26.99 -3.66
C PRO B 499 0.87 -26.30 -2.99
N LEU B 500 0.65 -25.04 -3.34
CA LEU B 500 -0.52 -24.32 -2.90
C LEU B 500 -0.94 -23.38 -4.00
N TYR B 501 -2.16 -22.87 -3.90
CA TYR B 501 -2.74 -22.02 -4.93
C TYR B 501 -2.99 -20.65 -4.31
N PRO B 502 -2.24 -19.62 -4.76
CA PRO B 502 -2.51 -18.28 -4.24
C PRO B 502 -3.89 -17.77 -4.66
N ILE B 503 -4.70 -17.43 -3.66
CA ILE B 503 -6.05 -16.93 -3.88
C ILE B 503 -6.14 -15.40 -3.87
N ALA B 504 -5.82 -14.78 -2.75
CA ALA B 504 -6.03 -13.35 -2.63
C ALA B 504 -5.18 -12.74 -1.53
N HIS B 505 -5.07 -11.42 -1.56
CA HIS B 505 -4.40 -10.68 -0.51
C HIS B 505 -5.45 -9.80 0.18
N GLY B 506 -5.42 -9.78 1.51
CA GLY B 506 -6.44 -9.06 2.26
C GLY B 506 -6.04 -7.67 2.72
N MET B 507 -7.03 -6.89 3.14
CA MET B 507 -6.79 -5.61 3.78
C MET B 507 -6.74 -5.86 5.27
N ARG B 508 -5.97 -5.06 5.98
CA ARG B 508 -5.90 -5.17 7.42
C ARG B 508 -6.92 -4.24 8.07
N PHE B 509 -7.94 -4.82 8.68
CA PHE B 509 -9.01 -4.07 9.31
C PHE B 509 -8.91 -4.13 10.82
N GLN B 510 -9.33 -3.05 11.46
CA GLN B 510 -9.49 -3.02 12.88
C GLN B 510 -10.64 -2.10 13.21
N ALA B 511 -11.42 -2.47 14.22
CA ALA B 511 -12.47 -1.59 14.69
C ALA B 511 -12.15 -1.10 16.10
N SER B 512 -12.49 0.15 16.37
CA SER B 512 -12.22 0.69 17.70
C SER B 512 -13.11 1.88 18.06
N SER B 513 -13.35 2.02 19.36
CA SER B 513 -14.02 3.17 19.93
C SER B 513 -13.29 4.44 19.51
N ALA B 514 -14.03 5.50 19.20
CA ALA B 514 -13.40 6.75 18.84
C ALA B 514 -12.62 7.35 20.00
N ASP B 515 -12.79 6.79 21.20
CA ASP B 515 -12.08 7.23 22.40
C ASP B 515 -10.63 6.71 22.42
N VAL B 516 -10.28 5.90 21.43
CA VAL B 516 -8.96 5.27 21.41
C VAL B 516 -8.03 5.85 20.33
N GLU B 517 -6.78 6.12 20.72
CA GLU B 517 -5.79 6.62 19.79
C GLU B 517 -4.44 5.92 20.02
N GLY B 518 -3.53 6.03 19.05
CA GLY B 518 -2.18 5.53 19.21
C GLY B 518 -2.00 4.05 18.90
N ILE B 519 -2.98 3.47 18.22
CA ILE B 519 -2.86 2.07 17.88
C ILE B 519 -2.15 1.92 16.56
N THR B 520 -1.16 1.03 16.55
CA THR B 520 -0.35 0.79 15.37
C THR B 520 -0.78 -0.53 14.71
N LEU B 521 -1.06 -0.45 13.41
CA LEU B 521 -1.39 -1.65 12.66
C LEU B 521 -0.28 -1.98 11.66
N GLY B 522 -0.31 -1.37 10.49
CA GLY B 522 0.82 -1.45 9.57
C GLY B 522 0.85 -2.63 8.61
N PRO B 523 1.73 -2.53 7.61
CA PRO B 523 1.81 -3.46 6.47
C PRO B 523 2.49 -4.80 6.76
N PHE B 524 3.01 -4.99 7.98
CA PHE B 524 3.58 -6.27 8.39
C PHE B 524 3.71 -6.35 9.91
N GLY B 525 3.84 -7.56 10.44
CA GLY B 525 4.08 -7.73 11.86
C GLY B 525 2.85 -7.55 12.73
N ALA B 526 3.02 -7.76 14.03
CA ALA B 526 1.92 -7.85 14.99
C ALA B 526 1.36 -6.50 15.45
N ILE B 527 0.19 -6.55 16.06
CA ILE B 527 -0.45 -5.37 16.60
C ILE B 527 0.38 -4.87 17.78
N SER B 528 0.42 -3.56 17.98
CA SER B 528 1.07 -3.01 19.17
C SER B 528 0.16 -2.04 19.90
N LEU B 529 0.09 -2.21 21.22
CA LEU B 529 -0.70 -1.30 22.03
C LEU B 529 0.23 -0.49 22.90
N ALA B 530 1.52 -0.57 22.61
CA ALA B 530 2.53 0.09 23.44
C ALA B 530 2.32 1.58 23.48
N ASN B 531 1.80 2.13 22.39
CA ASN B 531 1.56 3.56 22.30
C ASN B 531 0.07 3.92 22.49
N ALA B 532 -0.73 2.93 22.86
CA ALA B 532 -2.18 3.08 22.97
C ALA B 532 -2.65 3.91 24.19
N ARG B 533 -3.68 4.72 23.98
CA ARG B 533 -4.26 5.52 25.05
C ARG B 533 -5.68 5.97 24.74
N LYS B 534 -6.35 6.52 25.75
CA LYS B 534 -7.73 6.98 25.63
C LYS B 534 -7.88 8.51 25.59
N LYS B 535 -9.10 8.97 25.36
CA LYS B 535 -9.43 10.39 25.21
C LYS B 535 -8.90 10.97 23.90
N ALA C . -2.59 13.47 -12.28
CA ALA C . -2.12 14.84 -12.04
C ALA C . -0.60 14.88 -11.92
O ALA C . 0.02 13.90 -11.49
CB ALA C . -2.78 15.42 -10.79
N PHE D . 0.00 16.00 -12.32
CA PHE D . 1.43 16.21 -12.16
C PHE D . 1.76 16.43 -10.70
O PHE D . 2.82 16.02 -10.23
CB PHE D . 1.88 17.44 -12.95
CG PHE D . 1.87 17.24 -14.42
CD1 PHE D . 2.46 16.12 -14.98
CD2 PHE D . 1.29 18.18 -15.25
CE1 PHE D . 2.47 15.95 -16.35
CE2 PHE D . 1.30 18.01 -16.61
CZ PHE D . 1.88 16.89 -17.16
OXT PHE D . 0.98 17.04 -9.96
C1 GOL E . 3.49 1.63 -5.81
O1 GOL E . 3.35 2.39 -6.99
C2 GOL E . 4.34 2.38 -4.79
O2 GOL E . 3.54 3.30 -4.09
C3 GOL E . 4.95 1.36 -3.81
O3 GOL E . 3.92 0.50 -3.35
N ALA F . 3.35 -14.69 10.09
CA ALA F . 2.51 -15.33 11.09
C ALA F . 1.23 -15.84 10.44
O ALA F . 0.86 -15.40 9.34
CB ALA F . 2.20 -14.36 12.21
N PHE G . 0.57 -16.78 11.11
CA PHE G . -0.75 -17.27 10.68
C PHE G . -1.86 -16.34 11.18
O PHE G . -1.74 -15.76 12.25
CB PHE G . -1.02 -18.67 11.26
CG PHE G . -0.14 -19.76 10.70
CD1 PHE G . 0.16 -19.81 9.35
CD2 PHE G . 0.38 -20.73 11.55
CE1 PHE G . 0.97 -20.82 8.85
CE2 PHE G . 1.20 -21.75 11.06
CZ PHE G . 1.48 -21.79 9.70
OXT PHE G . -2.91 -16.14 10.54
C1 GOL H . -4.90 -5.02 -0.60
O1 GOL H . -4.67 -3.63 -0.46
C2 GOL H . -3.84 -5.82 0.15
O2 GOL H . -3.49 -5.18 1.37
C3 GOL H . -2.64 -6.08 -0.76
O3 GOL H . -1.68 -6.93 -0.18
#